data_9MRP
#
_entry.id   9MRP
#
_cell.length_a   179.460
_cell.length_b   102.596
_cell.length_c   47.674
_cell.angle_alpha   90.00
_cell.angle_beta   103.13
_cell.angle_gamma   90.00
#
_symmetry.space_group_name_H-M   'P 1 2 1'
#
loop_
_entity.id
_entity.type
_entity.pdbx_description
1 polymer 'Diaminopimelate epimerase'
2 non-polymer '(2S,6S)-2,6-DIAMINO-2-METHYLHEPTANEDIOIC ACID'
3 water water
#
_entity_poly.entity_id   1
_entity_poly.type   'polypeptide(L)'
_entity_poly.pdbx_seq_one_letter_code
;MAIEFTKYHGLGNDFILIDNRASKTPAITPEKAVEMCDRHFGIGADGVIFALPGENGTDYTMRIFNSDGSEPEMCGNGIR
CLAAFLADLEGLSRNKDTYRIHTLAGVITPQLTPDGQIKVDMGLPRLLAGEIPTNIAAADQKVINQPLEVEGKTWEVTCV
SMGNPHCITFVEDVAAIPLETIGPKFEHHPAFPQRTNTEFIQVVSRDYLKMRVWERGAGITLACGTGACASLVAAVLTGR
SDRLATVELPGGPLEIEWSEVDQRIYMTGPADRVFTGKLHHHHHH
;
_entity_poly.pdbx_strand_id   A,B,C,D
#
# COMPACT_ATOMS: atom_id res chain seq x y z
N ALA A 2 32.37 -17.98 -34.78
CA ALA A 2 31.97 -17.91 -36.18
C ALA A 2 30.43 -17.84 -36.30
N ILE A 3 29.74 -18.06 -35.18
CA ILE A 3 28.30 -18.00 -35.13
C ILE A 3 27.89 -16.54 -34.97
N GLU A 4 27.09 -16.02 -35.93
CA GLU A 4 26.52 -14.69 -35.82
C GLU A 4 25.11 -14.80 -35.20
N PHE A 5 24.76 -13.84 -34.35
CA PHE A 5 23.49 -13.86 -33.67
C PHE A 5 23.04 -12.43 -33.40
N THR A 6 21.77 -12.32 -33.05
CA THR A 6 21.18 -11.08 -32.58
C THR A 6 20.48 -11.31 -31.26
N LYS A 7 20.74 -10.43 -30.30
CA LYS A 7 20.10 -10.51 -29.00
C LYS A 7 18.82 -9.71 -29.02
N TYR A 8 17.73 -10.30 -28.57
CA TYR A 8 16.43 -9.65 -28.44
C TYR A 8 15.92 -9.86 -27.03
N HIS A 9 14.96 -9.04 -26.60
CA HIS A 9 14.13 -9.39 -25.46
C HIS A 9 12.69 -8.97 -25.69
N GLY A 10 11.80 -9.73 -25.12
CA GLY A 10 10.40 -9.41 -25.04
C GLY A 10 10.07 -9.23 -23.59
N LEU A 11 9.93 -7.96 -23.19
CA LEU A 11 9.65 -7.60 -21.79
C LEU A 11 10.72 -8.17 -20.86
N GLY A 12 11.95 -8.22 -21.31
CA GLY A 12 13.05 -8.72 -20.49
C GLY A 12 13.22 -10.22 -20.47
N ASN A 13 12.37 -10.98 -21.15
CA ASN A 13 12.60 -12.42 -21.43
C ASN A 13 13.47 -12.42 -22.67
N ASP A 14 14.75 -12.77 -22.51
CA ASP A 14 15.77 -12.42 -23.45
C ASP A 14 16.31 -13.65 -24.23
N PHE A 15 16.56 -13.45 -25.53
CA PHE A 15 16.81 -14.56 -26.43
C PHE A 15 17.93 -14.25 -27.39
N ILE A 16 18.63 -15.30 -27.74
CA ILE A 16 19.61 -15.29 -28.81
C ILE A 16 18.90 -15.78 -30.07
N LEU A 17 18.86 -14.92 -31.12
CA LEU A 17 18.20 -15.24 -32.38
C LEU A 17 19.26 -15.62 -33.41
N ILE A 18 19.01 -16.76 -34.07
CA ILE A 18 19.90 -17.34 -35.07
C ILE A 18 19.17 -17.42 -36.40
N ASP A 19 19.77 -16.82 -37.43
CA ASP A 19 19.28 -17.01 -38.81
C ASP A 19 19.70 -18.40 -39.29
N ASN A 20 18.72 -19.28 -39.37
CA ASN A 20 18.91 -20.69 -39.71
C ASN A 20 18.12 -21.01 -40.98
N ARG A 21 18.04 -20.03 -41.90
CA ARG A 21 17.28 -20.26 -43.12
C ARG A 21 17.96 -21.25 -44.07
N ALA A 22 19.25 -21.53 -43.90
CA ALA A 22 19.99 -22.42 -44.80
C ALA A 22 19.72 -23.90 -44.57
N SER A 23 19.03 -24.26 -43.49
CA SER A 23 18.83 -25.69 -43.22
C SER A 23 17.69 -25.88 -42.23
N LYS A 24 16.97 -26.98 -42.40
CA LYS A 24 15.97 -27.38 -41.42
C LYS A 24 16.60 -27.84 -40.13
N THR A 25 17.87 -28.17 -40.15
CA THR A 25 18.60 -28.59 -38.95
C THR A 25 19.15 -27.38 -38.18
N PRO A 26 18.73 -27.16 -36.94
CA PRO A 26 19.34 -26.10 -36.14
C PRO A 26 20.85 -26.25 -36.12
N ALA A 27 21.53 -25.13 -36.25
CA ALA A 27 22.96 -25.16 -36.45
C ALA A 27 23.75 -25.21 -35.16
N ILE A 28 23.08 -25.21 -34.01
CA ILE A 28 23.79 -25.42 -32.76
C ILE A 28 23.03 -26.51 -32.00
N THR A 29 23.79 -27.31 -31.26
CA THR A 29 23.20 -28.37 -30.49
C THR A 29 22.61 -27.85 -29.19
N PRO A 30 21.78 -28.64 -28.53
CA PRO A 30 21.29 -28.21 -27.19
C PRO A 30 22.40 -27.96 -26.21
N GLU A 31 23.44 -28.78 -26.21
CA GLU A 31 24.56 -28.57 -25.31
C GLU A 31 25.24 -27.24 -25.58
N LYS A 32 25.47 -26.92 -26.86
CA LYS A 32 26.06 -25.62 -27.16
C LYS A 32 25.11 -24.50 -26.78
N ALA A 33 23.81 -24.69 -26.88
CA ALA A 33 22.88 -23.64 -26.47
C ALA A 33 22.96 -23.36 -24.98
N VAL A 34 23.19 -24.41 -24.17
CA VAL A 34 23.39 -24.19 -22.73
C VAL A 34 24.60 -23.30 -22.50
N GLU A 35 25.70 -23.58 -23.23
CA GLU A 35 26.91 -22.79 -23.07
C GLU A 35 26.64 -21.35 -23.49
N MET A 36 25.92 -21.16 -24.60
CA MET A 36 25.65 -19.79 -25.10
C MET A 36 24.74 -19.02 -24.17
N CYS A 37 23.81 -19.68 -23.50
CA CYS A 37 22.88 -19.01 -22.62
C CYS A 37 23.46 -18.72 -21.23
N ASP A 38 24.61 -19.31 -20.91
CA ASP A 38 25.23 -19.04 -19.64
C ASP A 38 25.55 -17.54 -19.51
N ARG A 39 25.07 -16.95 -18.44
CA ARG A 39 25.16 -15.49 -18.34
C ARG A 39 26.56 -14.99 -18.08
N HIS A 40 27.43 -15.79 -17.51
CA HIS A 40 28.78 -15.35 -17.25
C HIS A 40 29.81 -15.84 -18.22
N PHE A 41 29.69 -17.10 -18.66
CA PHE A 41 30.65 -17.69 -19.53
C PHE A 41 30.25 -17.62 -21.00
N GLY A 42 29.00 -17.28 -21.28
CA GLY A 42 28.53 -17.22 -22.67
C GLY A 42 27.96 -15.86 -23.02
N ILE A 43 26.94 -15.85 -23.86
CA ILE A 43 26.25 -14.62 -24.25
C ILE A 43 25.26 -14.19 -23.18
N GLY A 44 24.46 -15.14 -22.66
CA GLY A 44 23.51 -14.89 -21.60
C GLY A 44 22.12 -14.74 -22.18
N ALA A 45 21.23 -15.68 -21.91
CA ALA A 45 19.85 -15.60 -22.38
C ALA A 45 18.99 -16.63 -21.68
N ASP A 46 17.68 -16.44 -21.83
CA ASP A 46 16.69 -17.45 -21.40
C ASP A 46 16.52 -18.56 -22.44
N GLY A 47 16.98 -18.33 -23.67
CA GLY A 47 16.87 -19.38 -24.68
C GLY A 47 17.48 -18.93 -26.00
N VAL A 48 17.63 -19.92 -26.86
CA VAL A 48 18.10 -19.72 -28.25
C VAL A 48 16.92 -19.99 -29.15
N ILE A 49 16.68 -19.11 -30.13
CA ILE A 49 15.59 -19.24 -31.06
C ILE A 49 16.15 -19.28 -32.49
N PHE A 50 15.71 -20.29 -33.24
CA PHE A 50 16.14 -20.46 -34.60
C PHE A 50 15.05 -20.04 -35.55
N ALA A 51 15.44 -19.18 -36.53
CA ALA A 51 14.58 -18.82 -37.66
C ALA A 51 14.88 -19.85 -38.74
N LEU A 52 13.96 -20.77 -38.95
CA LEU A 52 14.16 -21.93 -39.80
C LEU A 52 13.23 -21.87 -41.02
N PRO A 53 13.56 -22.64 -42.07
CA PRO A 53 12.66 -22.70 -43.24
C PRO A 53 11.23 -23.09 -42.91
N GLY A 54 10.30 -22.47 -43.63
CA GLY A 54 8.91 -22.80 -43.57
C GLY A 54 8.63 -24.26 -43.84
N GLU A 55 7.55 -24.77 -43.26
CA GLU A 55 7.12 -26.16 -43.37
C GLU A 55 5.63 -26.15 -43.65
N ASN A 56 5.17 -26.99 -44.58
CA ASN A 56 3.74 -27.23 -44.77
C ASN A 56 2.97 -25.91 -45.02
N GLY A 57 3.51 -25.08 -45.89
CA GLY A 57 2.85 -23.84 -46.25
C GLY A 57 3.09 -22.65 -45.34
N THR A 58 3.74 -22.82 -44.20
CA THR A 58 4.04 -21.66 -43.36
C THR A 58 5.19 -20.84 -43.98
N ASP A 59 5.34 -19.61 -43.49
CA ASP A 59 6.40 -18.74 -43.99
C ASP A 59 7.77 -19.13 -43.45
N TYR A 60 7.83 -19.48 -42.17
CA TYR A 60 9.07 -19.83 -41.51
C TYR A 60 8.68 -20.82 -40.40
N THR A 61 9.70 -21.45 -39.82
CA THR A 61 9.53 -22.31 -38.63
C THR A 61 10.34 -21.75 -37.47
N MET A 62 9.81 -21.93 -36.25
CA MET A 62 10.52 -21.57 -35.05
C MET A 62 10.81 -22.85 -34.25
N ARG A 63 12.07 -23.06 -33.91
CA ARG A 63 12.41 -23.93 -32.78
C ARG A 63 13.13 -23.11 -31.73
N ILE A 64 12.96 -23.53 -30.46
CA ILE A 64 13.62 -22.82 -29.37
C ILE A 64 14.24 -23.84 -28.42
N PHE A 65 15.41 -23.53 -27.91
CA PHE A 65 15.95 -24.28 -26.77
C PHE A 65 15.93 -23.39 -25.53
N ASN A 66 15.40 -23.92 -24.41
CA ASN A 66 15.55 -23.22 -23.15
C ASN A 66 17.01 -23.14 -22.75
N SER A 67 17.33 -22.30 -21.77
CA SER A 67 18.70 -22.18 -21.30
C SER A 67 19.25 -23.44 -20.65
N ASP A 68 18.39 -24.40 -20.28
CA ASP A 68 18.87 -25.72 -19.83
C ASP A 68 19.04 -26.71 -20.93
N GLY A 69 18.81 -26.32 -22.20
CA GLY A 69 19.00 -27.20 -23.32
C GLY A 69 17.76 -27.94 -23.75
N SER A 70 16.71 -27.94 -22.96
CA SER A 70 15.50 -28.62 -23.33
C SER A 70 14.75 -27.83 -24.39
N GLU A 71 13.93 -28.53 -25.14
CA GLU A 71 13.20 -27.95 -26.26
C GLU A 71 11.72 -27.87 -26.00
N PRO A 72 11.20 -26.70 -25.63
CA PRO A 72 9.77 -26.53 -25.42
C PRO A 72 9.03 -26.35 -26.74
N GLU A 73 7.71 -26.42 -26.63
CA GLU A 73 6.85 -26.51 -27.82
C GLU A 73 6.45 -25.14 -28.34
N MET A 74 6.51 -24.11 -27.52
CA MET A 74 6.15 -22.75 -27.93
C MET A 74 6.78 -21.76 -26.98
N CYS A 75 6.80 -20.51 -27.40
CA CYS A 75 7.21 -19.37 -26.61
C CYS A 75 6.64 -18.09 -27.19
N GLY A 76 5.83 -17.40 -26.42
CA GLY A 76 5.17 -16.19 -26.89
C GLY A 76 6.07 -14.97 -26.99
N ASN A 77 6.87 -14.69 -25.95
CA ASN A 77 7.83 -13.60 -26.06
C ASN A 77 8.80 -13.87 -27.18
N GLY A 78 9.14 -15.13 -27.38
CA GLY A 78 10.12 -15.47 -28.42
C GLY A 78 9.54 -15.34 -29.79
N ILE A 79 8.26 -15.68 -29.98
CA ILE A 79 7.59 -15.49 -31.27
C ILE A 79 7.57 -14.01 -31.66
N ARG A 80 7.33 -13.12 -30.69
CA ARG A 80 7.37 -11.69 -30.96
C ARG A 80 8.78 -11.28 -31.38
N CYS A 81 9.82 -11.75 -30.66
CA CYS A 81 11.17 -11.43 -31.05
C CYS A 81 11.48 -11.99 -32.43
N LEU A 82 11.02 -13.22 -32.69
CA LEU A 82 11.30 -13.83 -34.00
C LEU A 82 10.61 -13.03 -35.10
N ALA A 83 9.37 -12.59 -34.88
CA ALA A 83 8.72 -11.79 -35.94
C ALA A 83 9.50 -10.53 -36.26
N ALA A 84 10.03 -9.85 -35.24
CA ALA A 84 10.82 -8.66 -35.42
C ALA A 84 12.11 -8.97 -36.16
N PHE A 85 12.74 -10.11 -35.81
CA PHE A 85 13.96 -10.56 -36.46
C PHE A 85 13.69 -10.89 -37.92
N LEU A 86 12.60 -11.61 -38.19
CA LEU A 86 12.28 -11.94 -39.60
C LEU A 86 12.06 -10.68 -40.40
N ALA A 87 11.34 -9.71 -39.85
CA ALA A 87 11.18 -8.45 -40.57
C ALA A 87 12.52 -7.77 -40.83
N ASP A 88 13.45 -7.84 -39.88
CA ASP A 88 14.77 -7.26 -40.08
C ASP A 88 15.53 -8.02 -41.16
N LEU A 89 15.36 -9.34 -41.22
CA LEU A 89 16.09 -10.09 -42.23
C LEU A 89 15.52 -9.78 -43.63
N GLU A 90 14.20 -9.68 -43.72
CA GLU A 90 13.56 -9.45 -45.02
C GLU A 90 13.71 -8.00 -45.48
N GLY A 91 13.79 -7.07 -44.55
CA GLY A 91 14.05 -5.69 -44.91
C GLY A 91 13.00 -5.18 -45.87
N LEU A 92 13.46 -4.49 -46.95
CA LEU A 92 12.51 -3.94 -47.89
C LEU A 92 11.91 -4.97 -48.81
N SER A 93 12.30 -6.24 -48.71
CA SER A 93 11.59 -7.29 -49.42
C SER A 93 10.32 -7.74 -48.71
N ARG A 94 10.07 -7.28 -47.47
CA ARG A 94 8.89 -7.73 -46.76
C ARG A 94 7.65 -7.19 -47.45
N ASN A 95 6.67 -8.05 -47.66
CA ASN A 95 5.47 -7.66 -48.40
C ASN A 95 4.19 -7.90 -47.64
N LYS A 96 4.26 -8.06 -46.33
CA LYS A 96 3.07 -8.34 -45.54
C LYS A 96 3.41 -8.04 -44.08
N ASP A 97 2.37 -7.97 -43.26
CA ASP A 97 2.54 -7.60 -41.86
C ASP A 97 2.36 -8.78 -40.94
N THR A 98 2.15 -9.97 -41.48
CA THR A 98 1.88 -11.15 -40.66
C THR A 98 2.75 -12.28 -41.16
N TYR A 99 3.19 -13.14 -40.26
CA TYR A 99 3.93 -14.34 -40.63
C TYR A 99 3.17 -15.52 -40.07
N ARG A 100 3.07 -16.58 -40.85
CA ARG A 100 2.57 -17.86 -40.36
C ARG A 100 3.80 -18.68 -40.00
N ILE A 101 3.90 -19.11 -38.73
CA ILE A 101 5.13 -19.70 -38.21
C ILE A 101 4.80 -21.10 -37.72
N HIS A 102 5.49 -22.11 -38.25
CA HIS A 102 5.32 -23.48 -37.79
C HIS A 102 6.11 -23.64 -36.48
N THR A 103 5.45 -24.18 -35.46
CA THR A 103 6.09 -24.52 -34.18
C THR A 103 5.67 -25.93 -33.83
N LEU A 104 6.35 -26.48 -32.82
CA LEU A 104 5.94 -27.80 -32.32
C LEU A 104 4.51 -27.81 -31.84
N ALA A 105 3.98 -26.68 -31.37
CA ALA A 105 2.62 -26.57 -30.88
C ALA A 105 1.59 -26.38 -31.99
N GLY A 106 2.02 -26.10 -33.21
CA GLY A 106 1.07 -25.79 -34.27
C GLY A 106 1.46 -24.47 -34.91
N VAL A 107 0.58 -23.98 -35.81
CA VAL A 107 0.87 -22.73 -36.53
C VAL A 107 0.53 -21.55 -35.63
N ILE A 108 1.46 -20.62 -35.53
CA ILE A 108 1.31 -19.43 -34.70
C ILE A 108 1.52 -18.24 -35.62
N THR A 109 0.69 -17.21 -35.46
CA THR A 109 0.68 -16.10 -36.42
C THR A 109 0.88 -14.76 -35.74
N PRO A 110 2.10 -14.23 -35.74
CA PRO A 110 2.33 -12.87 -35.30
C PRO A 110 1.97 -11.88 -36.39
N GLN A 111 1.48 -10.72 -35.95
CA GLN A 111 1.20 -9.58 -36.81
C GLN A 111 1.97 -8.37 -36.30
N LEU A 112 2.73 -7.73 -37.17
CA LEU A 112 3.46 -6.52 -36.82
C LEU A 112 2.44 -5.39 -36.96
N THR A 113 2.16 -4.70 -35.88
CA THR A 113 1.09 -3.71 -35.88
C THR A 113 1.67 -2.36 -36.10
N PRO A 114 0.83 -1.36 -36.39
CA PRO A 114 1.41 -0.06 -36.78
C PRO A 114 2.22 0.57 -35.67
N ASP A 115 1.80 0.44 -34.40
CA ASP A 115 2.48 1.16 -33.33
C ASP A 115 3.79 0.51 -32.87
N GLY A 116 4.26 -0.54 -33.52
CA GLY A 116 5.51 -1.18 -33.17
C GLY A 116 5.35 -2.43 -32.32
N GLN A 117 4.17 -2.68 -31.80
CA GLN A 117 3.88 -3.88 -31.05
C GLN A 117 3.63 -5.05 -32.00
N ILE A 118 3.55 -6.24 -31.43
CA ILE A 118 3.31 -7.45 -32.19
C ILE A 118 2.16 -8.19 -31.54
N LYS A 119 1.12 -8.46 -32.30
CA LYS A 119 -0.07 -9.17 -31.85
C LYS A 119 -0.04 -10.58 -32.40
N VAL A 120 -0.16 -11.55 -31.51
CA VAL A 120 0.05 -12.95 -31.90
C VAL A 120 -1.22 -13.76 -31.66
N ASP A 121 -1.63 -14.50 -32.67
CA ASP A 121 -2.64 -15.55 -32.55
C ASP A 121 -1.92 -16.79 -32.00
N MET A 122 -2.11 -17.03 -30.70
CA MET A 122 -1.45 -18.10 -29.95
C MET A 122 -2.20 -19.40 -30.01
N GLY A 123 -3.32 -19.43 -30.70
CA GLY A 123 -4.06 -20.67 -30.84
C GLY A 123 -5.03 -20.89 -29.71
N LEU A 124 -5.60 -22.12 -29.70
CA LEU A 124 -6.58 -22.52 -28.71
C LEU A 124 -5.87 -23.00 -27.45
N PRO A 125 -6.35 -22.61 -26.27
CA PRO A 125 -5.82 -23.20 -25.04
C PRO A 125 -6.29 -24.63 -24.96
N ARG A 126 -5.45 -25.47 -24.37
CA ARG A 126 -5.73 -26.89 -24.20
C ARG A 126 -5.98 -27.11 -22.71
N LEU A 127 -7.14 -27.66 -22.36
CA LEU A 127 -7.56 -27.65 -20.97
C LEU A 127 -7.60 -29.02 -20.32
N LEU A 128 -7.44 -30.09 -21.08
CA LEU A 128 -7.58 -31.43 -20.50
C LEU A 128 -6.25 -31.87 -19.90
N ALA A 129 -6.34 -32.61 -18.81
CA ALA A 129 -5.14 -33.01 -18.09
C ALA A 129 -4.17 -33.76 -18.99
N GLY A 130 -4.69 -34.61 -19.87
CA GLY A 130 -3.82 -35.34 -20.77
C GLY A 130 -3.07 -34.46 -21.75
N GLU A 131 -3.53 -33.24 -21.96
CA GLU A 131 -2.90 -32.29 -22.88
C GLU A 131 -1.89 -31.40 -22.18
N ILE A 132 -1.84 -31.41 -20.85
CA ILE A 132 -0.94 -30.51 -20.15
C ILE A 132 0.53 -30.88 -20.34
N PRO A 133 1.01 -32.09 -19.94
CA PRO A 133 0.27 -33.16 -19.26
C PRO A 133 0.45 -33.09 -17.74
N THR A 134 -0.56 -33.57 -17.03
CA THR A 134 -0.51 -33.70 -15.58
C THR A 134 -1.34 -34.89 -15.16
N ASN A 135 -0.95 -35.47 -14.00
CA ASN A 135 -1.69 -36.58 -13.42
C ASN A 135 -2.63 -36.14 -12.30
N ILE A 136 -2.92 -34.84 -12.18
CA ILE A 136 -3.81 -34.36 -11.13
C ILE A 136 -5.20 -34.85 -11.36
N ALA A 137 -5.63 -34.99 -12.59
CA ALA A 137 -6.95 -35.48 -12.90
C ALA A 137 -6.82 -36.48 -14.03
N ALA A 138 -7.93 -37.17 -14.34
CA ALA A 138 -7.92 -38.11 -15.45
C ALA A 138 -7.67 -37.37 -16.76
N ALA A 139 -7.15 -38.11 -17.74
CA ALA A 139 -6.68 -37.47 -18.96
C ALA A 139 -7.75 -36.64 -19.67
N ASP A 140 -9.03 -37.03 -19.58
CA ASP A 140 -10.12 -36.38 -20.29
C ASP A 140 -10.83 -35.34 -19.43
N GLN A 141 -10.27 -35.00 -18.28
CA GLN A 141 -10.84 -33.99 -17.40
C GLN A 141 -10.03 -32.69 -17.37
N LYS A 142 -10.73 -31.58 -17.10
CA LYS A 142 -10.03 -30.34 -16.83
C LYS A 142 -9.42 -30.35 -15.42
N VAL A 143 -8.55 -29.36 -15.17
CA VAL A 143 -7.83 -29.22 -13.92
C VAL A 143 -8.03 -27.79 -13.44
N ILE A 144 -9.12 -27.54 -12.69
CA ILE A 144 -9.52 -26.19 -12.29
C ILE A 144 -9.64 -26.17 -10.77
N ASN A 145 -8.83 -25.32 -10.12
CA ASN A 145 -8.86 -25.17 -8.65
C ASN A 145 -8.71 -26.52 -7.94
N GLN A 146 -7.74 -27.27 -8.37
CA GLN A 146 -7.45 -28.59 -7.80
C GLN A 146 -6.29 -28.54 -6.83
N PRO A 147 -6.22 -29.52 -5.93
CA PRO A 147 -5.15 -29.50 -4.94
C PRO A 147 -3.84 -30.02 -5.48
N LEU A 148 -2.77 -29.37 -5.03
CA LEU A 148 -1.41 -29.85 -5.26
C LEU A 148 -0.62 -29.63 -3.99
N GLU A 149 -0.11 -30.73 -3.42
CA GLU A 149 0.67 -30.69 -2.20
C GLU A 149 2.12 -30.50 -2.57
N VAL A 150 2.69 -29.43 -2.09
CA VAL A 150 4.08 -29.10 -2.39
C VAL A 150 4.78 -28.94 -1.06
N GLU A 151 5.62 -29.92 -0.71
CA GLU A 151 6.33 -29.88 0.56
C GLU A 151 5.33 -29.69 1.70
N GLY A 152 4.31 -30.55 1.72
CA GLY A 152 3.33 -30.56 2.79
C GLY A 152 2.28 -29.46 2.79
N LYS A 153 2.45 -28.36 2.05
CA LYS A 153 1.43 -27.32 1.96
C LYS A 153 0.57 -27.56 0.72
N THR A 154 -0.73 -27.45 0.87
CA THR A 154 -1.65 -27.75 -0.22
C THR A 154 -2.03 -26.47 -0.94
N TRP A 155 -1.70 -26.40 -2.23
CA TRP A 155 -2.02 -25.24 -3.03
C TRP A 155 -3.20 -25.56 -3.93
N GLU A 156 -3.97 -24.52 -4.25
CA GLU A 156 -5.05 -24.62 -5.23
C GLU A 156 -4.46 -24.21 -6.59
N VAL A 157 -4.53 -25.12 -7.58
CA VAL A 157 -3.91 -24.88 -8.89
C VAL A 157 -4.89 -25.15 -10.03
N THR A 158 -4.60 -24.51 -11.18
CA THR A 158 -5.35 -24.68 -12.39
C THR A 158 -4.32 -24.91 -13.48
N CYS A 159 -4.51 -25.94 -14.30
CA CYS A 159 -3.53 -26.20 -15.35
C CYS A 159 -4.13 -25.92 -16.72
N VAL A 160 -3.29 -25.33 -17.57
CA VAL A 160 -3.63 -24.95 -18.92
C VAL A 160 -2.40 -25.17 -19.77
N SER A 161 -2.57 -25.64 -21.01
CA SER A 161 -1.47 -25.73 -21.94
C SER A 161 -1.69 -24.77 -23.13
N MET A 162 -0.62 -24.09 -23.49
CA MET A 162 -0.52 -23.29 -24.71
C MET A 162 0.34 -23.97 -25.73
N GLY A 163 0.35 -25.29 -25.70
CA GLY A 163 1.36 -26.06 -26.37
C GLY A 163 2.43 -26.54 -25.40
N ASN A 164 2.70 -25.76 -24.38
CA ASN A 164 3.54 -26.09 -23.23
C ASN A 164 2.69 -26.04 -21.96
N PRO A 165 3.17 -26.71 -20.89
CA PRO A 165 2.37 -26.82 -19.66
C PRO A 165 2.50 -25.63 -18.72
N HIS A 166 1.37 -25.28 -18.10
CA HIS A 166 1.34 -24.22 -17.11
C HIS A 166 0.49 -24.65 -15.93
N CYS A 167 0.98 -24.28 -14.76
CA CYS A 167 0.32 -24.52 -13.48
C CYS A 167 0.18 -23.16 -12.83
N ILE A 168 -1.05 -22.74 -12.61
CA ILE A 168 -1.37 -21.38 -12.22
C ILE A 168 -2.01 -21.42 -10.83
N THR A 169 -1.52 -20.56 -9.95
CA THR A 169 -2.09 -20.48 -8.60
C THR A 169 -2.32 -19.00 -8.27
N PHE A 170 -3.44 -18.72 -7.59
CA PHE A 170 -3.86 -17.35 -7.31
C PHE A 170 -3.56 -17.02 -5.86
N VAL A 171 -2.92 -15.87 -5.65
CA VAL A 171 -2.33 -15.48 -4.37
C VAL A 171 -2.71 -14.04 -4.02
N GLU A 172 -2.65 -13.74 -2.71
CA GLU A 172 -3.00 -12.38 -2.31
C GLU A 172 -1.89 -11.38 -2.57
N ASP A 173 -0.62 -11.79 -2.48
CA ASP A 173 0.52 -10.86 -2.59
C ASP A 173 1.63 -11.56 -3.38
N VAL A 174 1.69 -11.31 -4.68
CA VAL A 174 2.62 -12.09 -5.49
C VAL A 174 4.07 -11.71 -5.20
N ALA A 175 4.32 -10.45 -4.81
CA ALA A 175 5.67 -10.05 -4.50
C ALA A 175 6.25 -10.82 -3.32
N ALA A 176 5.40 -11.35 -2.45
CA ALA A 176 5.81 -12.08 -1.27
C ALA A 176 6.08 -13.56 -1.49
N ILE A 177 5.88 -14.06 -2.70
CA ILE A 177 6.15 -15.47 -2.95
C ILE A 177 7.66 -15.70 -2.95
N PRO A 178 8.19 -16.68 -2.19
CA PRO A 178 9.64 -17.02 -2.24
C PRO A 178 9.98 -17.87 -3.45
N LEU A 179 10.00 -17.20 -4.60
CA LEU A 179 9.93 -17.89 -5.87
C LEU A 179 11.16 -18.77 -6.14
N GLU A 180 12.35 -18.32 -5.71
CA GLU A 180 13.57 -19.10 -5.95
C GLU A 180 13.54 -20.45 -5.23
N THR A 181 12.84 -20.52 -4.11
CA THR A 181 12.73 -21.74 -3.33
C THR A 181 11.60 -22.64 -3.79
N ILE A 182 10.40 -22.08 -3.95
CA ILE A 182 9.23 -22.91 -4.24
C ILE A 182 9.06 -23.19 -5.73
N GLY A 183 9.52 -22.30 -6.60
CA GLY A 183 9.42 -22.53 -8.02
C GLY A 183 9.88 -23.89 -8.53
N PRO A 184 11.13 -24.29 -8.22
CA PRO A 184 11.62 -25.61 -8.64
C PRO A 184 10.79 -26.78 -8.09
N LYS A 185 10.18 -26.58 -6.93
CA LYS A 185 9.39 -27.66 -6.38
C LYS A 185 8.10 -27.88 -7.14
N PHE A 186 7.52 -26.82 -7.69
CA PHE A 186 6.42 -27.00 -8.63
C PHE A 186 6.93 -27.59 -9.95
N GLU A 187 8.01 -27.00 -10.47
CA GLU A 187 8.48 -27.37 -11.79
C GLU A 187 8.68 -28.87 -11.90
N HIS A 188 9.28 -29.47 -10.86
CA HIS A 188 9.65 -30.88 -10.85
C HIS A 188 8.70 -31.70 -10.02
N HIS A 189 7.51 -31.21 -9.76
CA HIS A 189 6.56 -31.99 -8.96
C HIS A 189 6.22 -33.26 -9.72
N PRO A 190 6.08 -34.40 -9.04
CA PRO A 190 5.75 -35.66 -9.75
C PRO A 190 4.46 -35.63 -10.53
N ALA A 191 3.53 -34.73 -10.17
CA ALA A 191 2.29 -34.61 -10.89
C ALA A 191 2.50 -34.17 -12.34
N PHE A 192 3.69 -33.68 -12.68
CA PHE A 192 3.96 -33.16 -14.02
C PHE A 192 5.03 -33.96 -14.76
N PRO A 193 4.62 -34.92 -15.59
CA PRO A 193 5.62 -35.84 -16.18
C PRO A 193 6.62 -35.20 -17.11
N GLN A 194 6.25 -34.08 -17.72
CA GLN A 194 7.15 -33.32 -18.58
C GLN A 194 7.59 -32.02 -17.94
N ARG A 195 7.50 -31.92 -16.60
CA ARG A 195 7.71 -30.69 -15.85
C ARG A 195 6.61 -29.68 -16.22
N THR A 196 6.65 -28.54 -15.55
CA THR A 196 5.67 -27.49 -15.85
C THR A 196 6.31 -26.13 -15.64
N ASN A 197 5.72 -25.13 -16.29
CA ASN A 197 5.92 -23.74 -15.91
C ASN A 197 4.91 -23.42 -14.80
N THR A 198 5.27 -22.46 -13.92
CA THR A 198 4.41 -22.21 -12.75
C THR A 198 4.25 -20.70 -12.65
N GLU A 199 3.00 -20.28 -12.61
CA GLU A 199 2.65 -18.89 -12.52
C GLU A 199 1.90 -18.61 -11.23
N PHE A 200 2.30 -17.53 -10.55
CA PHE A 200 1.67 -17.03 -9.34
C PHE A 200 1.00 -15.73 -9.76
N ILE A 201 -0.30 -15.61 -9.51
CA ILE A 201 -1.13 -14.52 -10.02
C ILE A 201 -1.81 -13.82 -8.89
N GLN A 202 -1.70 -12.48 -8.86
CA GLN A 202 -2.46 -11.64 -7.97
C GLN A 202 -3.49 -10.92 -8.83
N VAL A 203 -4.78 -11.11 -8.54
CA VAL A 203 -5.83 -10.44 -9.29
C VAL A 203 -5.94 -9.04 -8.71
N VAL A 204 -5.63 -8.04 -9.50
CA VAL A 204 -5.83 -6.64 -9.10
C VAL A 204 -7.24 -6.20 -9.41
N SER A 205 -7.74 -6.54 -10.59
CA SER A 205 -9.11 -6.31 -10.96
C SER A 205 -9.49 -7.35 -12.00
N ARG A 206 -10.74 -7.28 -12.49
CA ARG A 206 -11.17 -8.29 -13.44
C ARG A 206 -10.49 -8.13 -14.80
N ASP A 207 -9.77 -7.04 -15.03
CA ASP A 207 -9.03 -6.91 -16.27
C ASP A 207 -7.54 -6.64 -16.05
N TYR A 208 -7.00 -6.98 -14.87
CA TYR A 208 -5.61 -6.67 -14.56
C TYR A 208 -5.07 -7.70 -13.59
N LEU A 209 -4.13 -8.50 -14.07
CA LEU A 209 -3.48 -9.54 -13.30
C LEU A 209 -2.01 -9.21 -13.17
N LYS A 210 -1.45 -9.41 -11.99
CA LYS A 210 -0.01 -9.30 -11.74
C LYS A 210 0.55 -10.71 -11.63
N MET A 211 1.62 -10.99 -12.39
CA MET A 211 2.15 -12.35 -12.48
C MET A 211 3.64 -12.41 -12.22
N ARG A 212 4.06 -13.45 -11.47
CA ARG A 212 5.44 -13.86 -11.41
C ARG A 212 5.50 -15.31 -11.85
N VAL A 213 6.63 -15.70 -12.43
CA VAL A 213 6.76 -17.04 -13.02
C VAL A 213 8.09 -17.70 -12.68
N TRP A 214 8.03 -19.00 -12.50
CA TRP A 214 9.20 -19.87 -12.47
C TRP A 214 9.02 -20.75 -13.71
N GLU A 215 9.87 -20.55 -14.71
CA GLU A 215 9.74 -21.28 -15.95
C GLU A 215 10.45 -22.63 -15.95
N ARG A 216 9.81 -23.60 -16.57
CA ARG A 216 10.45 -24.85 -16.89
C ARG A 216 11.70 -24.55 -17.71
N GLY A 217 12.85 -25.10 -17.28
CA GLY A 217 14.07 -24.98 -18.02
C GLY A 217 14.71 -23.63 -18.07
N ALA A 218 14.18 -22.63 -17.41
CA ALA A 218 14.78 -21.29 -17.44
C ALA A 218 14.76 -20.58 -16.10
N GLY A 219 13.95 -20.98 -15.14
CA GLY A 219 13.92 -20.36 -13.83
C GLY A 219 13.17 -19.05 -13.77
N ILE A 220 13.65 -18.10 -12.98
CA ILE A 220 12.96 -16.84 -12.84
C ILE A 220 13.24 -16.04 -14.11
N THR A 221 12.15 -15.69 -14.79
CA THR A 221 12.23 -14.83 -15.96
C THR A 221 11.37 -13.59 -15.68
N LEU A 222 11.65 -12.55 -16.45
CA LEU A 222 10.95 -11.28 -16.24
C LEU A 222 9.62 -11.23 -16.96
N ALA A 223 9.34 -12.20 -17.82
CA ALA A 223 8.08 -12.23 -18.54
C ALA A 223 7.95 -13.60 -19.19
N CYS A 224 6.72 -14.04 -19.39
CA CYS A 224 6.44 -15.28 -20.09
C CYS A 224 5.13 -15.12 -20.84
N GLY A 225 5.19 -15.15 -22.18
CA GLY A 225 3.98 -14.94 -22.97
C GLY A 225 3.00 -16.08 -22.91
N THR A 226 3.49 -17.32 -23.11
CA THR A 226 2.58 -18.45 -22.96
C THR A 226 2.00 -18.48 -21.56
N GLY A 227 2.81 -18.12 -20.55
CA GLY A 227 2.36 -18.18 -19.18
C GLY A 227 1.31 -17.10 -18.90
N ALA A 228 1.46 -15.91 -19.50
CA ALA A 228 0.42 -14.89 -19.32
C ALA A 228 -0.87 -15.32 -19.98
N CYS A 229 -0.78 -15.93 -21.16
CA CYS A 229 -1.96 -16.46 -21.81
C CYS A 229 -2.65 -17.51 -20.95
N ALA A 230 -1.85 -18.45 -20.45
CA ALA A 230 -2.40 -19.53 -19.65
C ALA A 230 -3.02 -18.99 -18.39
N SER A 231 -2.42 -17.94 -17.83
CA SER A 231 -2.92 -17.38 -16.57
C SER A 231 -4.24 -16.66 -16.79
N LEU A 232 -4.36 -15.91 -17.89
CA LEU A 232 -5.65 -15.33 -18.23
C LEU A 232 -6.71 -16.41 -18.42
N VAL A 233 -6.39 -17.48 -19.14
CA VAL A 233 -7.34 -18.56 -19.29
C VAL A 233 -7.74 -19.11 -17.94
N ALA A 234 -6.77 -19.36 -17.07
CA ALA A 234 -7.11 -19.85 -15.72
C ALA A 234 -7.97 -18.88 -14.94
N ALA A 235 -7.70 -17.58 -15.08
CA ALA A 235 -8.53 -16.59 -14.37
C ALA A 235 -9.95 -16.59 -14.87
N VAL A 236 -10.17 -16.78 -16.17
CA VAL A 236 -11.53 -16.87 -16.72
C VAL A 236 -12.19 -18.16 -16.22
N LEU A 237 -11.50 -19.28 -16.36
CA LEU A 237 -12.09 -20.56 -15.95
C LEU A 237 -12.50 -20.57 -14.50
N THR A 238 -11.80 -19.86 -13.64
CA THR A 238 -12.10 -19.85 -12.20
C THR A 238 -13.03 -18.68 -11.83
N GLY A 239 -13.50 -17.93 -12.81
CA GLY A 239 -14.42 -16.82 -12.59
C GLY A 239 -13.82 -15.56 -12.03
N ARG A 240 -12.50 -15.45 -12.01
CA ARG A 240 -11.80 -14.34 -11.37
C ARG A 240 -11.58 -13.16 -12.29
N SER A 241 -11.68 -13.37 -13.60
CA SER A 241 -11.34 -12.32 -14.54
C SER A 241 -12.19 -12.36 -15.79
N ASP A 242 -12.20 -11.24 -16.49
CA ASP A 242 -12.79 -11.18 -17.81
C ASP A 242 -11.81 -11.75 -18.85
N ARG A 243 -12.27 -11.85 -20.09
CA ARG A 243 -11.50 -12.44 -21.17
C ARG A 243 -10.51 -11.48 -21.82
N LEU A 244 -10.53 -10.21 -21.46
CA LEU A 244 -9.57 -9.24 -21.93
C LEU A 244 -8.92 -8.62 -20.70
N ALA A 245 -7.59 -8.77 -20.59
CA ALA A 245 -6.90 -8.26 -19.44
C ALA A 245 -5.48 -7.85 -19.78
N THR A 246 -4.95 -6.97 -18.98
CA THR A 246 -3.53 -6.72 -18.93
C THR A 246 -2.93 -7.71 -17.96
N VAL A 247 -1.83 -8.32 -18.34
CA VAL A 247 -1.02 -9.10 -17.42
C VAL A 247 0.26 -8.35 -17.20
N GLU A 248 0.48 -7.90 -15.96
CA GLU A 248 1.64 -7.14 -15.59
C GLU A 248 2.70 -8.12 -15.11
N LEU A 249 3.79 -8.18 -15.79
CA LEU A 249 4.93 -9.01 -15.47
C LEU A 249 6.06 -8.16 -14.92
N PRO A 250 7.08 -8.80 -14.33
CA PRO A 250 8.21 -7.99 -13.85
C PRO A 250 8.82 -7.09 -14.91
N GLY A 251 8.85 -7.52 -16.17
CA GLY A 251 9.41 -6.73 -17.25
C GLY A 251 8.47 -5.77 -17.95
N GLY A 252 7.20 -5.76 -17.57
CA GLY A 252 6.21 -4.91 -18.17
C GLY A 252 4.95 -5.67 -18.56
N PRO A 253 4.04 -4.97 -19.25
CA PRO A 253 2.70 -5.51 -19.51
C PRO A 253 2.51 -6.18 -20.85
N LEU A 254 1.65 -7.21 -20.83
CA LEU A 254 1.12 -7.83 -22.05
C LEU A 254 -0.39 -7.65 -22.05
N GLU A 255 -0.97 -7.52 -23.22
CA GLU A 255 -2.41 -7.50 -23.39
C GLU A 255 -2.85 -8.87 -23.92
N ILE A 256 -3.75 -9.52 -23.20
CA ILE A 256 -4.21 -10.87 -23.49
C ILE A 256 -5.72 -10.84 -23.72
N GLU A 257 -6.17 -11.49 -24.79
CA GLU A 257 -7.58 -11.60 -25.11
C GLU A 257 -7.90 -13.05 -25.45
N TRP A 258 -8.86 -13.62 -24.75
CA TRP A 258 -9.40 -14.91 -25.11
C TRP A 258 -10.67 -14.60 -25.92
N SER A 259 -10.54 -14.66 -27.22
CA SER A 259 -11.62 -14.21 -28.10
C SER A 259 -12.85 -15.10 -28.02
N GLU A 260 -14.01 -14.44 -27.90
CA GLU A 260 -15.28 -15.15 -27.96
C GLU A 260 -15.70 -15.44 -29.40
N VAL A 261 -15.01 -14.86 -30.37
CA VAL A 261 -15.31 -15.12 -31.79
C VAL A 261 -14.80 -16.50 -32.18
N ASP A 262 -13.54 -16.77 -31.88
CA ASP A 262 -12.90 -18.01 -32.31
C ASP A 262 -12.32 -18.85 -31.19
N GLN A 263 -12.45 -18.42 -29.93
CA GLN A 263 -11.93 -19.12 -28.77
C GLN A 263 -10.40 -19.25 -28.76
N ARG A 264 -9.70 -18.49 -29.60
CA ARG A 264 -8.25 -18.44 -29.62
C ARG A 264 -7.76 -17.34 -28.71
N ILE A 265 -6.51 -17.48 -28.28
CA ILE A 265 -5.83 -16.47 -27.48
C ILE A 265 -5.01 -15.57 -28.36
N TYR A 266 -5.12 -14.26 -28.11
CA TYR A 266 -4.34 -13.23 -28.77
C TYR A 266 -3.52 -12.49 -27.72
N MET A 267 -2.26 -12.34 -27.97
CA MET A 267 -1.28 -11.77 -27.06
C MET A 267 -0.54 -10.67 -27.74
N THR A 268 -0.54 -9.48 -27.15
CA THR A 268 0.09 -8.31 -27.76
C THR A 268 1.14 -7.76 -26.82
N GLY A 269 2.34 -7.52 -27.35
CA GLY A 269 3.40 -6.95 -26.59
C GLY A 269 4.55 -6.53 -27.49
N PRO A 270 5.62 -6.05 -26.88
CA PRO A 270 6.76 -5.50 -27.62
C PRO A 270 7.85 -6.54 -27.88
N ALA A 271 8.81 -6.14 -28.70
CA ALA A 271 10.03 -6.92 -28.93
C ALA A 271 11.12 -5.88 -29.15
N ASP A 272 12.27 -6.07 -28.55
CA ASP A 272 13.37 -5.12 -28.62
C ASP A 272 14.65 -5.82 -29.08
N ARG A 273 15.26 -5.27 -30.12
CA ARG A 273 16.58 -5.71 -30.56
C ARG A 273 17.64 -4.98 -29.76
N VAL A 274 18.52 -5.73 -29.12
CA VAL A 274 19.52 -5.15 -28.21
C VAL A 274 20.86 -4.96 -28.88
N PHE A 275 21.41 -6.02 -29.45
CA PHE A 275 22.73 -5.96 -30.04
C PHE A 275 22.93 -7.14 -30.98
N THR A 276 23.89 -7.02 -31.87
CA THR A 276 24.28 -8.10 -32.77
C THR A 276 25.68 -8.51 -32.42
N GLY A 277 25.98 -9.78 -32.58
CA GLY A 277 27.27 -10.26 -32.16
C GLY A 277 27.76 -11.44 -32.95
N LYS A 278 29.01 -11.79 -32.69
CA LYS A 278 29.63 -12.96 -33.30
C LYS A 278 30.47 -13.66 -32.25
N LEU A 279 30.30 -14.97 -32.13
CA LEU A 279 31.09 -15.76 -31.17
C LEU A 279 32.55 -15.87 -31.61
N HIS A 280 33.46 -15.67 -30.67
CA HIS A 280 34.90 -15.72 -31.00
C HIS A 280 35.44 -17.02 -31.62
N ALA B 2 11.01 26.65 53.47
CA ALA B 2 10.39 25.56 54.22
C ALA B 2 10.64 24.21 53.53
N ILE B 3 11.11 24.29 52.29
CA ILE B 3 11.44 23.11 51.49
C ILE B 3 12.79 22.57 51.97
N GLU B 4 12.81 21.33 52.42
CA GLU B 4 14.04 20.61 52.78
C GLU B 4 14.51 19.80 51.57
N PHE B 5 15.82 19.79 51.33
CA PHE B 5 16.36 19.12 50.14
C PHE B 5 17.75 18.57 50.43
N THR B 6 18.22 17.68 49.56
CA THR B 6 19.58 17.18 49.65
C THR B 6 20.23 17.31 48.29
N LYS B 7 21.45 17.85 48.28
CA LYS B 7 22.19 18.02 47.03
C LYS B 7 23.03 16.80 46.79
N TYR B 8 22.96 16.27 45.54
CA TYR B 8 23.74 15.12 45.09
C TYR B 8 24.39 15.52 43.77
N HIS B 9 25.45 14.79 43.43
CA HIS B 9 25.90 14.82 42.04
C HIS B 9 26.32 13.41 41.63
N GLY B 10 26.14 13.14 40.34
CA GLY B 10 26.63 11.92 39.72
C GLY B 10 27.63 12.37 38.66
N LEU B 11 28.91 12.21 39.00
CA LEU B 11 30.00 12.71 38.13
C LEU B 11 29.92 14.20 37.83
N GLY B 12 29.43 15.00 38.76
CA GLY B 12 29.34 16.41 38.56
C GLY B 12 28.09 16.88 37.88
N ASN B 13 27.18 15.96 37.47
CA ASN B 13 25.84 16.31 37.00
C ASN B 13 25.04 16.35 38.30
N ASP B 14 24.64 17.56 38.69
CA ASP B 14 24.25 17.81 40.07
C ASP B 14 22.76 18.12 40.17
N PHE B 15 22.15 17.61 41.26
CA PHE B 15 20.71 17.58 41.40
C PHE B 15 20.30 17.92 42.83
N ILE B 16 19.14 18.51 42.88
CA ILE B 16 18.42 18.76 44.15
C ILE B 16 17.42 17.62 44.31
N LEU B 17 17.57 16.85 45.40
CA LEU B 17 16.71 15.70 45.67
C LEU B 17 15.67 16.11 46.68
N ILE B 18 14.40 15.81 46.36
CA ILE B 18 13.26 16.13 47.23
C ILE B 18 12.55 14.86 47.64
N ASP B 19 12.36 14.66 48.94
CA ASP B 19 11.55 13.57 49.46
C ASP B 19 10.09 13.94 49.24
N ASN B 20 9.44 13.29 48.29
CA ASN B 20 8.07 13.58 47.89
C ASN B 20 7.21 12.33 48.12
N ARG B 21 7.53 11.55 49.14
CA ARG B 21 6.78 10.34 49.43
C ARG B 21 5.34 10.60 49.88
N ALA B 22 5.02 11.81 50.29
CA ALA B 22 3.70 12.11 50.85
C ALA B 22 2.63 12.36 49.78
N SER B 23 3.00 12.39 48.50
CA SER B 23 2.00 12.68 47.47
C SER B 23 2.57 12.31 46.11
N LYS B 24 1.67 11.87 45.23
CA LYS B 24 2.02 11.67 43.82
C LYS B 24 2.27 12.98 43.10
N THR B 25 1.83 14.10 43.66
CA THR B 25 2.02 15.41 43.05
C THR B 25 3.37 15.99 43.49
N PRO B 26 4.28 16.29 42.57
CA PRO B 26 5.52 16.98 42.95
C PRO B 26 5.19 18.24 43.73
N ALA B 27 5.96 18.47 44.80
CA ALA B 27 5.64 19.56 45.70
C ALA B 27 6.20 20.89 45.24
N ILE B 28 6.91 20.95 44.13
CA ILE B 28 7.31 22.25 43.59
C ILE B 28 6.94 22.26 42.12
N THR B 29 6.59 23.43 41.64
CA THR B 29 6.22 23.61 40.26
C THR B 29 7.45 23.71 39.37
N PRO B 30 7.27 23.52 38.07
CA PRO B 30 8.42 23.77 37.17
C PRO B 30 9.02 25.15 37.29
N GLU B 31 8.16 26.19 37.40
CA GLU B 31 8.68 27.54 37.56
C GLU B 31 9.54 27.66 38.82
N LYS B 32 9.09 27.09 39.93
CA LYS B 32 9.90 27.12 41.13
C LYS B 32 11.17 26.30 40.97
N ALA B 33 11.12 25.20 40.22
CA ALA B 33 12.36 24.45 39.98
C ALA B 33 13.38 25.27 39.21
N VAL B 34 12.95 26.11 38.25
CA VAL B 34 13.88 26.99 37.54
C VAL B 34 14.58 27.89 38.53
N GLU B 35 13.79 28.48 39.46
CA GLU B 35 14.36 29.36 40.45
C GLU B 35 15.35 28.62 41.34
N MET B 36 15.02 27.41 41.76
CA MET B 36 15.89 26.65 42.68
C MET B 36 17.19 26.25 41.97
N CYS B 37 17.13 25.96 40.67
CA CYS B 37 18.31 25.51 39.96
C CYS B 37 19.22 26.66 39.57
N ASP B 38 18.73 27.90 39.62
CA ASP B 38 19.58 29.03 39.32
C ASP B 38 20.83 29.02 40.18
N ARG B 39 21.99 29.11 39.55
CA ARG B 39 23.22 28.91 40.29
C ARG B 39 23.60 30.08 41.19
N HIS B 40 23.13 31.26 40.87
CA HIS B 40 23.47 32.43 41.67
C HIS B 40 22.37 32.87 42.60
N PHE B 41 21.12 32.80 42.14
CA PHE B 41 19.99 33.24 42.95
C PHE B 41 19.28 32.12 43.67
N GLY B 42 19.58 30.86 43.38
CA GLY B 42 18.97 29.75 44.08
C GLY B 42 20.00 28.81 44.66
N ILE B 43 19.67 27.51 44.66
CA ILE B 43 20.55 26.50 45.18
C ILE B 43 21.63 26.15 44.15
N GLY B 44 21.23 25.98 42.90
CA GLY B 44 22.16 25.68 41.83
C GLY B 44 22.16 24.18 41.54
N ALA B 45 21.69 23.83 40.32
CA ALA B 45 21.66 22.42 39.95
C ALA B 45 21.34 22.30 38.48
N ASP B 46 21.60 21.11 37.93
CA ASP B 46 21.15 20.75 36.58
C ASP B 46 19.70 20.27 36.56
N GLY B 47 19.12 19.97 37.72
CA GLY B 47 17.73 19.60 37.77
C GLY B 47 17.28 19.34 39.20
N VAL B 48 15.98 19.11 39.33
CA VAL B 48 15.32 18.76 40.58
C VAL B 48 14.73 17.37 40.38
N ILE B 49 14.99 16.46 41.30
CA ILE B 49 14.48 15.11 41.25
C ILE B 49 13.60 14.85 42.44
N PHE B 50 12.43 14.28 42.17
CA PHE B 50 11.43 13.96 43.21
C PHE B 50 11.40 12.48 43.46
N ALA B 51 11.53 12.09 44.74
CA ALA B 51 11.35 10.73 45.19
C ALA B 51 9.88 10.60 45.49
N LEU B 52 9.13 9.90 44.62
CA LEU B 52 7.68 9.84 44.64
C LEU B 52 7.18 8.44 44.93
N PRO B 53 5.93 8.32 45.43
CA PRO B 53 5.36 7.00 45.69
C PRO B 53 5.41 6.10 44.47
N GLY B 54 5.67 4.82 44.75
CA GLY B 54 5.63 3.75 43.78
C GLY B 54 4.32 3.71 43.01
N GLU B 55 4.39 3.22 41.77
CA GLU B 55 3.25 3.09 40.89
C GLU B 55 3.30 1.74 40.20
N ASN B 56 2.17 1.05 40.12
CA ASN B 56 2.06 -0.18 39.33
C ASN B 56 3.11 -1.22 39.75
N GLY B 57 3.27 -1.40 41.05
CA GLY B 57 4.16 -2.41 41.55
C GLY B 57 5.61 -2.00 41.76
N THR B 58 6.02 -0.82 41.30
CA THR B 58 7.38 -0.38 41.54
C THR B 58 7.55 0.06 42.99
N ASP B 59 8.80 0.19 43.42
CA ASP B 59 9.08 0.62 44.78
C ASP B 59 8.86 2.11 44.99
N TYR B 60 9.28 2.91 44.03
CA TYR B 60 9.17 4.35 44.07
C TYR B 60 9.04 4.83 42.62
N THR B 61 8.68 6.10 42.45
CA THR B 61 8.64 6.77 41.15
C THR B 61 9.65 7.92 41.13
N MET B 62 10.24 8.17 39.96
CA MET B 62 11.09 9.32 39.78
C MET B 62 10.43 10.25 38.78
N ARG B 63 10.31 11.54 39.13
CA ARG B 63 10.13 12.58 38.15
C ARG B 63 11.27 13.57 38.30
N ILE B 64 11.66 14.17 37.18
CA ILE B 64 12.76 15.12 37.15
C ILE B 64 12.34 16.34 36.36
N PHE B 65 12.73 17.54 36.82
CA PHE B 65 12.64 18.73 36.02
C PHE B 65 14.06 19.21 35.68
N ASN B 66 14.32 19.48 34.40
CA ASN B 66 15.59 20.09 34.02
C ASN B 66 15.66 21.49 34.61
N SER B 67 16.85 22.06 34.57
CA SER B 67 17.01 23.42 35.11
C SER B 67 16.26 24.49 34.35
N ASP B 68 15.78 24.19 33.10
CA ASP B 68 14.90 25.11 32.39
C ASP B 68 13.43 24.87 32.66
N GLY B 69 13.11 23.95 33.54
CA GLY B 69 11.74 23.68 33.93
C GLY B 69 11.04 22.63 33.12
N SER B 70 11.62 22.21 32.00
CA SER B 70 11.05 21.12 31.25
C SER B 70 11.26 19.78 31.94
N GLU B 71 10.38 18.83 31.61
CA GLU B 71 10.32 17.55 32.26
C GLU B 71 10.74 16.46 31.29
N PRO B 72 11.98 15.97 31.38
CA PRO B 72 12.43 14.85 30.53
C PRO B 72 11.95 13.53 31.07
N GLU B 73 12.17 12.49 30.25
CA GLU B 73 11.58 11.19 30.49
C GLU B 73 12.47 10.29 31.35
N MET B 74 13.76 10.57 31.41
CA MET B 74 14.68 9.75 32.19
C MET B 74 15.95 10.54 32.43
N CYS B 75 16.76 10.04 33.36
CA CYS B 75 18.05 10.61 33.69
C CYS B 75 18.86 9.56 34.42
N GLY B 76 19.98 9.20 33.86
CA GLY B 76 20.77 8.15 34.44
C GLY B 76 21.61 8.55 35.65
N ASN B 77 22.31 9.69 35.56
CA ASN B 77 23.03 10.17 36.75
C ASN B 77 22.02 10.44 37.87
N GLY B 78 20.87 10.97 37.48
CA GLY B 78 19.82 11.25 38.48
C GLY B 78 19.30 9.99 39.14
N ILE B 79 19.03 8.93 38.37
CA ILE B 79 18.59 7.66 38.96
C ILE B 79 19.59 7.12 39.99
N ARG B 80 20.91 7.23 39.72
CA ARG B 80 21.91 6.81 40.67
C ARG B 80 21.83 7.66 41.93
N CYS B 81 21.68 8.98 41.77
CA CYS B 81 21.55 9.79 42.97
C CYS B 81 20.26 9.45 43.72
N LEU B 82 19.16 9.23 42.97
CA LEU B 82 17.91 8.85 43.63
C LEU B 82 18.06 7.56 44.40
N ALA B 83 18.75 6.57 43.83
CA ALA B 83 18.92 5.29 44.53
C ALA B 83 19.66 5.49 45.86
N ALA B 84 20.70 6.33 45.84
CA ALA B 84 21.45 6.65 47.04
C ALA B 84 20.57 7.41 48.02
N PHE B 85 19.79 8.36 47.53
CA PHE B 85 18.87 9.10 48.39
C PHE B 85 17.83 8.18 49.02
N LEU B 86 17.29 7.24 48.25
CA LEU B 86 16.28 6.34 48.82
C LEU B 86 16.88 5.44 49.86
N ALA B 87 18.10 4.98 49.64
CA ALA B 87 18.77 4.17 50.65
C ALA B 87 19.01 4.96 51.93
N ASP B 88 19.32 6.25 51.79
CA ASP B 88 19.49 7.10 52.97
C ASP B 88 18.14 7.29 53.67
N LEU B 89 17.07 7.52 52.91
CA LEU B 89 15.75 7.67 53.57
C LEU B 89 15.36 6.40 54.31
N GLU B 90 15.59 5.23 53.71
CA GLU B 90 15.15 4.00 54.30
C GLU B 90 16.04 3.55 55.45
N GLY B 91 17.32 3.90 55.39
CA GLY B 91 18.22 3.64 56.51
C GLY B 91 18.25 2.17 56.82
N LEU B 92 18.15 1.83 58.12
CA LEU B 92 18.23 0.44 58.48
C LEU B 92 16.96 -0.35 58.21
N SER B 93 15.89 0.30 57.72
CA SER B 93 14.74 -0.42 57.20
C SER B 93 14.96 -0.98 55.80
N ARG B 94 16.04 -0.61 55.13
CA ARG B 94 16.24 -1.12 53.77
C ARG B 94 16.49 -2.63 53.81
N ASN B 95 15.78 -3.36 52.94
CA ASN B 95 15.90 -4.82 52.98
C ASN B 95 16.28 -5.43 51.65
N LYS B 96 16.81 -4.63 50.74
CA LYS B 96 17.21 -5.15 49.44
C LYS B 96 18.24 -4.18 48.87
N ASP B 97 18.91 -4.62 47.80
CA ASP B 97 19.96 -3.81 47.18
C ASP B 97 19.53 -3.22 45.86
N THR B 98 18.27 -3.38 45.47
CA THR B 98 17.79 -2.91 44.18
C THR B 98 16.48 -2.22 44.39
N TYR B 99 16.20 -1.23 43.58
CA TYR B 99 14.92 -0.56 43.58
C TYR B 99 14.35 -0.66 42.19
N ARG B 100 13.06 -0.89 42.07
CA ARG B 100 12.36 -0.78 40.80
C ARG B 100 11.69 0.58 40.80
N ILE B 101 12.07 1.43 39.86
CA ILE B 101 11.65 2.84 39.85
C ILE B 101 10.83 3.06 38.60
N HIS B 102 9.60 3.58 38.79
CA HIS B 102 8.78 4.02 37.69
C HIS B 102 9.26 5.38 37.19
N THR B 103 9.45 5.52 35.87
CA THR B 103 9.79 6.77 35.23
C THR B 103 8.89 6.93 34.01
N LEU B 104 8.91 8.13 33.44
CA LEU B 104 8.16 8.35 32.21
C LEU B 104 8.62 7.41 31.11
N ALA B 105 9.86 6.96 31.14
CA ALA B 105 10.40 6.08 30.10
C ALA B 105 10.12 4.62 30.34
N GLY B 106 9.60 4.25 31.52
CA GLY B 106 9.39 2.87 31.86
C GLY B 106 10.08 2.56 33.18
N VAL B 107 10.13 1.28 33.53
CA VAL B 107 10.71 0.86 34.80
C VAL B 107 12.23 0.81 34.66
N ILE B 108 12.91 1.41 35.62
CA ILE B 108 14.37 1.49 35.64
C ILE B 108 14.81 0.91 36.97
N THR B 109 15.86 0.10 36.94
CA THR B 109 16.24 -0.66 38.13
C THR B 109 17.68 -0.41 38.52
N PRO B 110 17.94 0.49 39.48
CA PRO B 110 19.28 0.61 40.04
C PRO B 110 19.56 -0.44 41.08
N GLN B 111 20.80 -0.88 41.12
CA GLN B 111 21.31 -1.80 42.11
C GLN B 111 22.47 -1.15 42.85
N LEU B 112 22.39 -1.13 44.18
CA LEU B 112 23.48 -0.63 45.01
C LEU B 112 24.48 -1.76 45.11
N THR B 113 25.69 -1.56 44.62
CA THR B 113 26.66 -2.65 44.59
C THR B 113 27.59 -2.56 45.76
N PRO B 114 28.36 -3.61 46.03
CA PRO B 114 29.14 -3.61 47.27
C PRO B 114 30.18 -2.51 47.34
N ASP B 115 30.79 -2.13 46.22
CA ASP B 115 31.88 -1.15 46.25
C ASP B 115 31.41 0.29 46.34
N GLY B 116 30.12 0.53 46.47
CA GLY B 116 29.61 1.87 46.58
C GLY B 116 29.09 2.46 45.30
N GLN B 117 29.32 1.80 44.17
CA GLN B 117 28.80 2.25 42.89
C GLN B 117 27.35 1.79 42.73
N ILE B 118 26.67 2.32 41.72
CA ILE B 118 25.32 1.93 41.43
C ILE B 118 25.24 1.47 39.99
N LYS B 119 24.72 0.27 39.77
CA LYS B 119 24.56 -0.30 38.43
C LYS B 119 23.10 -0.26 38.05
N VAL B 120 22.79 0.31 36.90
CA VAL B 120 21.41 0.57 36.53
C VAL B 120 21.06 -0.20 35.26
N ASP B 121 19.95 -0.91 35.30
CA ASP B 121 19.30 -1.44 34.09
C ASP B 121 18.48 -0.29 33.51
N MET B 122 19.01 0.29 32.43
CA MET B 122 18.47 1.45 31.75
C MET B 122 17.48 1.09 30.66
N GLY B 123 17.24 -0.21 30.47
CA GLY B 123 16.24 -0.61 29.51
C GLY B 123 16.81 -0.80 28.12
N LEU B 124 15.89 -0.99 27.19
CA LEU B 124 16.26 -1.18 25.79
C LEU B 124 16.45 0.16 25.10
N PRO B 125 17.49 0.32 24.27
CA PRO B 125 17.61 1.52 23.46
C PRO B 125 16.55 1.50 22.39
N ARG B 126 16.07 2.67 22.04
CA ARG B 126 15.04 2.84 21.02
C ARG B 126 15.72 3.47 19.81
N LEU B 127 15.60 2.82 18.64
CA LEU B 127 16.43 3.20 17.51
C LEU B 127 15.67 3.78 16.34
N LEU B 128 14.34 3.75 16.36
CA LEU B 128 13.59 4.23 15.20
C LEU B 128 13.38 5.74 15.32
N ALA B 129 13.40 6.41 14.19
CA ALA B 129 13.29 7.86 14.16
C ALA B 129 12.05 8.33 14.88
N GLY B 130 10.94 7.60 14.74
CA GLY B 130 9.72 7.99 15.39
C GLY B 130 9.79 7.94 16.89
N GLU B 131 10.73 7.19 17.43
CA GLU B 131 10.92 7.01 18.87
C GLU B 131 11.90 8.03 19.47
N ILE B 132 12.60 8.78 18.64
CA ILE B 132 13.62 9.69 19.13
C ILE B 132 12.99 10.88 19.85
N PRO B 133 12.14 11.71 19.24
CA PRO B 133 11.75 11.71 17.82
C PRO B 133 12.61 12.64 16.98
N THR B 134 12.75 12.31 15.68
CA THR B 134 13.44 13.14 14.73
C THR B 134 12.83 12.92 13.36
N ASN B 135 12.91 13.96 12.53
CA ASN B 135 12.42 13.91 11.15
C ASN B 135 13.53 13.64 10.17
N ILE B 136 14.71 13.20 10.62
CA ILE B 136 15.83 12.91 9.71
C ILE B 136 15.49 11.75 8.80
N ALA B 137 14.79 10.77 9.30
CA ALA B 137 14.38 9.61 8.53
C ALA B 137 12.91 9.36 8.78
N ALA B 138 12.32 8.44 8.01
CA ALA B 138 10.95 8.06 8.25
C ALA B 138 10.79 7.40 9.61
N ALA B 139 9.57 7.47 10.15
CA ALA B 139 9.34 7.07 11.53
C ALA B 139 9.79 5.63 11.82
N ASP B 140 9.70 4.73 10.84
CA ASP B 140 10.02 3.32 11.06
C ASP B 140 11.45 2.97 10.66
N GLN B 141 12.29 3.96 10.42
CA GLN B 141 13.68 3.74 10.07
C GLN B 141 14.65 4.16 11.18
N LYS B 142 15.79 3.48 11.22
CA LYS B 142 16.87 3.94 12.08
C LYS B 142 17.54 5.18 11.50
N VAL B 143 18.39 5.81 12.33
CA VAL B 143 19.08 7.04 11.99
C VAL B 143 20.55 6.83 12.33
N ILE B 144 21.33 6.30 11.38
CA ILE B 144 22.70 5.88 11.60
C ILE B 144 23.58 6.60 10.58
N ASN B 145 24.54 7.40 11.06
CA ASN B 145 25.47 8.10 10.20
C ASN B 145 24.75 8.88 9.09
N GLN B 146 23.75 9.63 9.49
CA GLN B 146 22.93 10.45 8.57
C GLN B 146 23.33 11.90 8.63
N PRO B 147 23.01 12.66 7.56
CA PRO B 147 23.44 14.05 7.54
C PRO B 147 22.53 14.95 8.34
N LEU B 148 23.16 15.94 8.96
CA LEU B 148 22.44 17.02 9.62
C LEU B 148 23.20 18.30 9.36
N GLU B 149 22.53 19.26 8.67
CA GLU B 149 23.13 20.53 8.33
C GLU B 149 22.88 21.50 9.47
N VAL B 150 23.95 21.98 10.05
CA VAL B 150 23.86 22.88 11.19
C VAL B 150 24.62 24.14 10.82
N GLU B 151 23.89 25.21 10.53
CA GLU B 151 24.52 26.45 10.12
C GLU B 151 25.44 26.20 8.92
N GLY B 152 24.89 25.55 7.90
CA GLY B 152 25.61 25.31 6.66
C GLY B 152 26.70 24.26 6.66
N LYS B 153 27.12 23.72 7.82
CA LYS B 153 28.09 22.64 7.88
C LYS B 153 27.33 21.34 8.08
N THR B 154 27.69 20.30 7.34
CA THR B 154 26.95 19.05 7.36
C THR B 154 27.67 18.08 8.28
N TRP B 155 26.97 17.65 9.34
CA TRP B 155 27.54 16.71 10.28
C TRP B 155 26.96 15.33 10.04
N GLU B 156 27.74 14.31 10.38
CA GLU B 156 27.25 12.95 10.38
C GLU B 156 26.77 12.62 11.78
N VAL B 157 25.52 12.22 11.90
CA VAL B 157 24.89 11.99 13.22
C VAL B 157 24.18 10.65 13.28
N THR B 158 24.03 10.14 14.50
CA THR B 158 23.33 8.92 14.79
C THR B 158 22.39 9.25 15.93
N CYS B 159 21.14 8.84 15.82
CA CYS B 159 20.18 9.16 16.89
C CYS B 159 19.73 7.91 17.61
N VAL B 160 19.64 8.02 18.95
CA VAL B 160 19.26 6.93 19.82
C VAL B 160 18.43 7.55 20.93
N SER B 161 17.38 6.86 21.35
CA SER B 161 16.61 7.28 22.51
C SER B 161 16.80 6.29 23.65
N MET B 162 16.99 6.84 24.86
CA MET B 162 16.99 6.10 26.12
C MET B 162 15.73 6.37 26.90
N GLY B 163 14.67 6.73 26.20
CA GLY B 163 13.50 7.37 26.79
C GLY B 163 13.47 8.84 26.52
N ASN B 164 14.63 9.46 26.41
CA ASN B 164 14.90 10.80 25.92
C ASN B 164 15.75 10.78 24.64
N PRO B 165 15.74 11.87 23.88
CA PRO B 165 16.42 11.89 22.57
C PRO B 165 17.88 12.25 22.68
N HIS B 166 18.69 11.60 21.84
CA HIS B 166 20.13 11.83 21.75
C HIS B 166 20.54 11.85 20.31
N CYS B 167 21.38 12.81 19.99
CA CYS B 167 22.04 13.03 18.69
C CYS B 167 23.51 12.95 18.92
N ILE B 168 24.16 11.92 18.34
CA ILE B 168 25.54 11.58 18.61
C ILE B 168 26.37 11.79 17.35
N THR B 169 27.48 12.48 17.47
CA THR B 169 28.39 12.74 16.35
C THR B 169 29.80 12.40 16.79
N PHE B 170 30.59 11.77 15.90
CA PHE B 170 31.91 11.27 16.20
C PHE B 170 32.93 12.24 15.63
N VAL B 171 33.91 12.62 16.44
CA VAL B 171 34.86 13.69 16.13
C VAL B 171 36.28 13.27 16.45
N GLU B 172 37.24 13.94 15.79
CA GLU B 172 38.63 13.58 16.07
C GLU B 172 39.14 14.14 17.38
N ASP B 173 38.67 15.32 17.82
CA ASP B 173 39.22 16.01 19.00
C ASP B 173 38.05 16.66 19.76
N VAL B 174 37.54 15.97 20.77
CA VAL B 174 36.31 16.46 21.40
C VAL B 174 36.59 17.73 22.22
N ALA B 175 37.80 17.85 22.74
CA ALA B 175 38.13 19.04 23.50
C ALA B 175 38.07 20.30 22.66
N ALA B 176 38.22 20.20 21.34
CA ALA B 176 38.22 21.32 20.42
C ALA B 176 36.84 21.73 19.94
N ILE B 177 35.78 21.03 20.31
CA ILE B 177 34.45 21.41 19.89
C ILE B 177 34.04 22.70 20.62
N PRO B 178 33.58 23.74 19.90
CA PRO B 178 33.07 24.98 20.57
C PRO B 178 31.63 24.79 21.06
N LEU B 179 31.55 24.05 22.15
CA LEU B 179 30.29 23.48 22.57
C LEU B 179 29.26 24.53 22.96
N GLU B 180 29.70 25.65 23.57
CA GLU B 180 28.76 26.70 23.98
C GLU B 180 28.04 27.34 22.81
N THR B 181 28.70 27.40 21.64
CA THR B 181 28.12 27.97 20.45
C THR B 181 27.30 26.98 19.64
N ILE B 182 27.86 25.78 19.39
CA ILE B 182 27.21 24.82 18.50
C ILE B 182 26.16 23.96 19.23
N GLY B 183 26.33 23.71 20.53
CA GLY B 183 25.37 22.91 21.25
C GLY B 183 23.92 23.34 21.08
N PRO B 184 23.58 24.62 21.37
CA PRO B 184 22.19 25.05 21.21
C PRO B 184 21.65 24.89 19.81
N LYS B 185 22.52 24.99 18.81
CA LYS B 185 22.07 24.86 17.44
C LYS B 185 21.67 23.43 17.10
N PHE B 186 22.32 22.44 17.72
CA PHE B 186 21.80 21.08 17.63
C PHE B 186 20.53 20.92 18.45
N GLU B 187 20.55 21.44 19.69
CA GLU B 187 19.44 21.20 20.59
C GLU B 187 18.11 21.61 19.99
N HIS B 188 18.11 22.78 19.34
CA HIS B 188 16.92 23.41 18.77
C HIS B 188 16.83 23.21 17.28
N HIS B 189 17.57 22.26 16.71
CA HIS B 189 17.50 22.08 15.27
C HIS B 189 16.08 21.66 14.90
N PRO B 190 15.54 22.15 13.77
CA PRO B 190 14.17 21.78 13.38
C PRO B 190 13.96 20.27 13.17
N ALA B 191 15.04 19.51 12.93
CA ALA B 191 14.92 18.08 12.79
C ALA B 191 14.44 17.40 14.05
N PHE B 192 14.41 18.10 15.20
CA PHE B 192 14.11 17.49 16.48
C PHE B 192 12.91 18.15 17.11
N PRO B 193 11.72 17.60 16.93
CA PRO B 193 10.49 18.28 17.37
C PRO B 193 10.39 18.49 18.85
N GLN B 194 11.02 17.63 19.62
CA GLN B 194 11.01 17.73 21.08
C GLN B 194 12.38 18.18 21.62
N ARG B 195 13.20 18.80 20.77
CA ARG B 195 14.60 19.09 21.02
C ARG B 195 15.40 17.80 21.17
N THR B 196 16.68 17.94 21.39
CA THR B 196 17.54 16.76 21.59
C THR B 196 18.66 17.11 22.54
N ASN B 197 19.21 16.06 23.16
CA ASN B 197 20.53 16.11 23.76
C ASN B 197 21.55 15.83 22.67
N THR B 198 22.77 16.37 22.80
CA THR B 198 23.73 16.24 21.70
C THR B 198 25.05 15.84 22.33
N GLU B 199 25.60 14.71 21.87
CA GLU B 199 26.86 14.19 22.34
C GLU B 199 27.90 14.20 21.25
N PHE B 200 29.08 14.68 21.59
CA PHE B 200 30.26 14.71 20.74
C PHE B 200 31.19 13.67 21.30
N ILE B 201 31.57 12.70 20.47
CA ILE B 201 32.32 11.54 20.93
C ILE B 201 33.64 11.40 20.20
N GLN B 202 34.72 11.25 20.96
CA GLN B 202 36.03 10.89 20.44
C GLN B 202 36.30 9.44 20.79
N VAL B 203 36.46 8.58 19.76
CA VAL B 203 36.79 7.19 20.02
C VAL B 203 38.27 7.08 20.32
N VAL B 204 38.62 6.68 21.53
CA VAL B 204 40.01 6.44 21.90
C VAL B 204 40.40 5.02 21.58
N SER B 205 39.54 4.05 21.85
CA SER B 205 39.77 2.66 21.51
C SER B 205 38.39 2.02 21.40
N ARG B 206 38.35 0.73 21.05
CA ARG B 206 37.05 0.11 20.90
C ARG B 206 36.33 -0.09 22.25
N ASP B 207 37.01 0.14 23.36
CA ASP B 207 36.32 0.06 24.65
C ASP B 207 36.44 1.35 25.46
N TYR B 208 36.71 2.48 24.81
CA TYR B 208 36.96 3.72 25.53
C TYR B 208 36.57 4.89 24.68
N LEU B 209 35.53 5.59 25.09
CA LEU B 209 34.99 6.74 24.43
C LEU B 209 35.13 7.96 25.31
N LYS B 210 35.51 9.10 24.74
CA LYS B 210 35.51 10.41 25.40
C LYS B 210 34.34 11.22 24.92
N MET B 211 33.56 11.77 25.86
CA MET B 211 32.31 12.43 25.51
C MET B 211 32.21 13.81 26.12
N ARG B 212 31.71 14.77 25.33
CA ARG B 212 31.19 16.04 25.82
C ARG B 212 29.76 16.16 25.36
N VAL B 213 28.93 16.84 26.17
CA VAL B 213 27.51 16.91 25.92
C VAL B 213 26.96 18.32 26.07
N TRP B 214 26.02 18.65 25.22
CA TRP B 214 25.14 19.80 25.37
C TRP B 214 23.75 19.20 25.61
N GLU B 215 23.25 19.32 26.84
CA GLU B 215 21.97 18.73 27.20
C GLU B 215 20.79 19.59 26.88
N ARG B 216 19.73 18.94 26.42
CA ARG B 216 18.45 19.58 26.30
C ARG B 216 18.05 20.11 27.68
N GLY B 217 17.67 21.39 27.72
CA GLY B 217 17.16 21.93 28.97
C GLY B 217 18.16 22.18 30.06
N ALA B 218 19.42 21.89 29.86
CA ALA B 218 20.43 22.04 30.90
C ALA B 218 21.75 22.63 30.42
N GLY B 219 22.11 22.54 29.13
CA GLY B 219 23.33 23.13 28.63
C GLY B 219 24.52 22.25 28.85
N ILE B 220 25.68 22.86 29.11
CA ILE B 220 26.88 22.09 29.33
C ILE B 220 26.84 21.46 30.71
N THR B 221 26.88 20.14 30.74
CA THR B 221 26.95 19.40 31.99
C THR B 221 28.22 18.58 31.98
N LEU B 222 28.62 18.19 33.18
CA LEU B 222 29.86 17.46 33.33
C LEU B 222 29.71 15.98 33.06
N ALA B 223 28.48 15.48 32.96
CA ALA B 223 28.24 14.06 32.77
C ALA B 223 26.80 13.90 32.36
N CYS B 224 26.50 12.83 31.61
CA CYS B 224 25.10 12.54 31.26
C CYS B 224 25.00 11.03 31.09
N GLY B 225 24.20 10.38 31.95
CA GLY B 225 24.16 8.93 31.92
C GLY B 225 23.36 8.41 30.74
N THR B 226 22.19 8.97 30.48
CA THR B 226 21.48 8.53 29.30
C THR B 226 22.31 8.81 28.05
N GLY B 227 23.01 9.95 28.01
CA GLY B 227 23.81 10.27 26.84
C GLY B 227 24.99 9.33 26.65
N ALA B 228 25.63 8.92 27.73
CA ALA B 228 26.70 7.93 27.63
C ALA B 228 26.16 6.61 27.11
N CYS B 229 24.99 6.20 27.60
CA CYS B 229 24.34 5.01 27.09
C CYS B 229 24.07 5.12 25.60
N ALA B 230 23.47 6.23 25.20
CA ALA B 230 23.13 6.42 23.80
C ALA B 230 24.36 6.43 22.96
N SER B 231 25.45 7.04 23.45
CA SER B 231 26.68 7.18 22.67
C SER B 231 27.32 5.83 22.46
N LEU B 232 27.32 4.94 23.48
CA LEU B 232 27.81 3.60 23.32
C LEU B 232 26.99 2.84 22.28
N VAL B 233 25.68 2.96 22.34
CA VAL B 233 24.84 2.31 21.36
C VAL B 233 25.18 2.82 19.97
N ALA B 234 25.29 4.14 19.82
CA ALA B 234 25.69 4.70 18.53
C ALA B 234 27.02 4.19 18.07
N ALA B 235 28.00 4.05 18.97
CA ALA B 235 29.30 3.55 18.59
C ALA B 235 29.25 2.11 18.13
N VAL B 236 28.39 1.27 18.74
CA VAL B 236 28.23 -0.11 18.30
C VAL B 236 27.55 -0.13 16.93
N LEU B 237 26.48 0.63 16.80
CA LEU B 237 25.70 0.63 15.55
C LEU B 237 26.53 1.07 14.36
N THR B 238 27.49 1.96 14.56
CA THR B 238 28.36 2.44 13.48
C THR B 238 29.63 1.64 13.34
N GLY B 239 29.76 0.58 14.10
CA GLY B 239 30.92 -0.30 14.08
C GLY B 239 32.19 0.22 14.68
N ARG B 240 32.12 1.31 15.47
CA ARG B 240 33.30 1.96 16.01
C ARG B 240 33.71 1.45 17.38
N SER B 241 32.81 0.76 18.07
CA SER B 241 33.13 0.27 19.40
C SER B 241 32.52 -1.08 19.70
N ASP B 242 33.07 -1.72 20.75
CA ASP B 242 32.50 -2.93 21.32
C ASP B 242 31.31 -2.57 22.23
N ARG B 243 30.60 -3.60 22.73
CA ARG B 243 29.40 -3.39 23.53
C ARG B 243 29.69 -3.12 24.99
N LEU B 244 30.93 -3.22 25.41
CA LEU B 244 31.35 -2.88 26.76
C LEU B 244 32.42 -1.81 26.64
N ALA B 245 32.17 -0.64 27.24
CA ALA B 245 33.14 0.41 27.15
C ALA B 245 33.09 1.30 28.38
N THR B 246 34.18 1.99 28.59
CA THR B 246 34.20 3.15 29.48
C THR B 246 33.85 4.37 28.67
N VAL B 247 32.96 5.21 29.18
CA VAL B 247 32.72 6.53 28.65
C VAL B 247 33.29 7.54 29.63
N GLU B 248 34.32 8.25 29.18
CA GLU B 248 34.99 9.26 29.97
C GLU B 248 34.28 10.58 29.74
N LEU B 249 33.71 11.12 30.78
CA LEU B 249 33.04 12.39 30.74
C LEU B 249 33.87 13.44 31.46
N PRO B 250 33.54 14.73 31.28
CA PRO B 250 34.33 15.75 32.02
C PRO B 250 34.37 15.51 33.53
N GLY B 251 33.31 14.96 34.12
CA GLY B 251 33.31 14.65 35.53
C GLY B 251 33.82 13.31 35.98
N GLY B 252 34.23 12.43 35.05
CA GLY B 252 34.74 11.14 35.36
C GLY B 252 34.09 10.05 34.50
N PRO B 253 34.40 8.82 34.80
CA PRO B 253 33.98 7.70 33.95
C PRO B 253 32.69 7.00 34.36
N LEU B 254 31.97 6.54 33.33
CA LEU B 254 30.90 5.55 33.48
C LEU B 254 31.25 4.28 32.74
N GLU B 255 30.80 3.16 33.25
CA GLU B 255 30.93 1.87 32.59
C GLU B 255 29.59 1.52 31.97
N ILE B 256 29.58 1.29 30.65
CA ILE B 256 28.37 1.06 29.88
C ILE B 256 28.49 -0.32 29.21
N GLU B 257 27.42 -1.10 29.28
CA GLU B 257 27.37 -2.43 28.70
C GLU B 257 26.05 -2.57 27.96
N TRP B 258 26.10 -2.87 26.67
CA TRP B 258 24.91 -3.18 25.90
C TRP B 258 24.87 -4.71 25.88
N SER B 259 24.07 -5.30 26.75
CA SER B 259 24.16 -6.72 26.99
C SER B 259 23.67 -7.53 25.80
N GLU B 260 24.45 -8.56 25.43
CA GLU B 260 23.99 -9.47 24.39
C GLU B 260 23.00 -10.50 24.94
N VAL B 261 22.83 -10.58 26.26
CA VAL B 261 21.89 -11.53 26.86
C VAL B 261 20.47 -11.05 26.67
N ASP B 262 20.22 -9.78 27.00
CA ASP B 262 18.88 -9.22 26.97
C ASP B 262 18.73 -7.97 26.14
N GLN B 263 19.78 -7.51 25.46
CA GLN B 263 19.76 -6.31 24.64
C GLN B 263 19.48 -5.01 25.40
N ARG B 264 19.55 -5.05 26.74
CA ARG B 264 19.35 -3.88 27.58
C ARG B 264 20.70 -3.24 27.85
N ILE B 265 20.65 -1.95 28.21
CA ILE B 265 21.83 -1.18 28.58
C ILE B 265 21.98 -1.16 30.08
N TYR B 266 23.19 -1.43 30.55
CA TYR B 266 23.56 -1.34 31.96
C TYR B 266 24.60 -0.23 32.12
N MET B 267 24.37 0.67 33.08
CA MET B 267 25.20 1.86 33.32
C MET B 267 25.67 1.83 34.74
N THR B 268 26.98 1.80 34.98
CA THR B 268 27.49 1.79 36.34
C THR B 268 28.33 3.01 36.64
N GLY B 269 28.06 3.68 37.78
CA GLY B 269 28.78 4.86 38.13
C GLY B 269 28.48 5.24 39.57
N PRO B 270 29.06 6.34 40.02
CA PRO B 270 28.94 6.77 41.41
C PRO B 270 27.79 7.72 41.63
N ALA B 271 27.53 7.97 42.94
CA ALA B 271 26.61 9.04 43.29
C ALA B 271 27.16 9.59 44.60
N ASP B 272 27.12 10.91 44.76
CA ASP B 272 27.75 11.56 45.91
C ASP B 272 26.78 12.52 46.56
N ARG B 273 26.58 12.36 47.87
CA ARG B 273 25.79 13.32 48.62
C ARG B 273 26.67 14.47 49.07
N VAL B 274 26.26 15.69 48.77
CA VAL B 274 27.09 16.86 49.01
C VAL B 274 26.69 17.57 50.31
N PHE B 275 25.43 17.96 50.41
CA PHE B 275 24.95 18.71 51.58
C PHE B 275 23.44 18.60 51.66
N THR B 276 22.90 18.92 52.85
CA THR B 276 21.47 19.00 53.05
C THR B 276 21.13 20.43 53.39
N GLY B 277 19.95 20.86 52.98
CA GLY B 277 19.60 22.27 53.09
C GLY B 277 18.12 22.48 53.29
N LYS B 278 17.78 23.71 53.62
CA LYS B 278 16.41 24.15 53.77
C LYS B 278 16.28 25.53 53.20
N LEU B 279 15.31 25.73 52.32
CA LEU B 279 15.11 27.04 51.70
C LEU B 279 14.57 28.03 52.70
N HIS B 280 15.12 29.24 52.71
CA HIS B 280 14.67 30.26 53.65
C HIS B 280 13.21 30.69 53.52
N ALA C 2 -37.04 -46.03 15.37
CA ALA C 2 -37.24 -45.53 16.73
C ALA C 2 -37.34 -44.00 16.72
N ILE C 3 -37.13 -43.40 15.54
CA ILE C 3 -37.06 -41.95 15.42
C ILE C 3 -38.47 -41.44 15.09
N GLU C 4 -39.00 -40.54 15.93
CA GLU C 4 -40.25 -39.86 15.69
C GLU C 4 -39.97 -38.52 15.03
N PHE C 5 -40.84 -38.10 14.12
CA PHE C 5 -40.60 -36.90 13.33
C PHE C 5 -41.96 -36.33 12.89
N THR C 6 -41.92 -35.07 12.49
CA THR C 6 -43.10 -34.43 11.93
C THR C 6 -42.71 -33.85 10.58
N LYS C 7 -43.52 -34.09 9.57
CA LYS C 7 -43.25 -33.56 8.23
C LYS C 7 -43.97 -32.22 8.08
N TYR C 8 -43.22 -31.21 7.65
CA TYR C 8 -43.70 -29.87 7.39
C TYR C 8 -43.30 -29.47 5.96
N HIS C 9 -43.97 -28.45 5.44
CA HIS C 9 -43.45 -27.73 4.28
C HIS C 9 -43.78 -26.25 4.43
N GLY C 10 -42.91 -25.43 3.85
CA GLY C 10 -43.10 -23.99 3.71
C GLY C 10 -43.11 -23.74 2.21
N LEU C 11 -44.34 -23.55 1.69
CA LEU C 11 -44.52 -23.34 0.25
C LEU C 11 -43.96 -24.49 -0.57
N GLY C 12 -44.11 -25.70 -0.05
CA GLY C 12 -43.67 -26.89 -0.73
C GLY C 12 -42.19 -27.21 -0.63
N ASN C 13 -41.39 -26.37 0.03
CA ASN C 13 -40.03 -26.70 0.45
C ASN C 13 -40.19 -27.52 1.72
N ASP C 14 -39.93 -28.81 1.65
CA ASP C 14 -40.44 -29.74 2.66
C ASP C 14 -39.30 -30.33 3.52
N PHE C 15 -39.64 -30.55 4.80
CA PHE C 15 -38.65 -30.85 5.83
C PHE C 15 -39.17 -31.87 6.82
N ILE C 16 -38.22 -32.65 7.32
CA ILE C 16 -38.43 -33.56 8.44
C ILE C 16 -37.96 -32.81 9.70
N LEU C 17 -38.88 -32.56 10.62
CA LEU C 17 -38.58 -31.86 11.86
C LEU C 17 -38.41 -32.91 12.99
N ILE C 18 -37.34 -32.75 13.76
CA ILE C 18 -37.04 -33.67 14.85
C ILE C 18 -36.97 -32.85 16.14
N ASP C 19 -37.68 -33.32 17.17
CA ASP C 19 -37.59 -32.72 18.51
C ASP C 19 -36.27 -33.20 19.12
N ASN C 20 -35.28 -32.32 19.17
CA ASN C 20 -33.95 -32.62 19.66
C ASN C 20 -33.65 -31.82 20.95
N ARG C 21 -34.69 -31.47 21.66
CA ARG C 21 -34.53 -30.65 22.87
C ARG C 21 -33.84 -31.41 23.98
N ALA C 22 -33.77 -32.72 23.88
CA ALA C 22 -33.17 -33.55 24.94
C ALA C 22 -31.65 -33.49 24.93
N SER C 23 -31.00 -32.95 23.89
CA SER C 23 -29.55 -33.00 23.79
C SER C 23 -29.07 -32.00 22.76
N LYS C 24 -27.84 -31.51 22.94
CA LYS C 24 -27.17 -30.71 21.92
C LYS C 24 -26.65 -31.54 20.77
N THR C 25 -26.56 -32.86 20.92
CA THR C 25 -26.10 -33.72 19.83
C THR C 25 -27.27 -34.07 18.92
N PRO C 26 -27.21 -33.76 17.63
CA PRO C 26 -28.31 -34.17 16.74
C PRO C 26 -28.54 -35.67 16.79
N ALA C 27 -29.82 -36.05 16.74
CA ALA C 27 -30.22 -37.45 16.85
C ALA C 27 -29.84 -38.31 15.64
N ILE C 28 -29.48 -37.71 14.51
CA ILE C 28 -29.08 -38.46 13.33
C ILE C 28 -27.84 -37.85 12.71
N THR C 29 -27.08 -38.68 12.02
CA THR C 29 -25.90 -38.23 11.34
C THR C 29 -26.27 -37.65 9.98
N PRO C 30 -25.38 -36.93 9.36
CA PRO C 30 -25.63 -36.47 7.99
C PRO C 30 -25.87 -37.61 7.02
N GLU C 31 -25.17 -38.73 7.18
CA GLU C 31 -25.39 -39.87 6.30
C GLU C 31 -26.81 -40.41 6.44
N LYS C 32 -27.31 -40.54 7.67
CA LYS C 32 -28.66 -40.99 7.89
C LYS C 32 -29.67 -39.95 7.36
N ALA C 33 -29.31 -38.67 7.44
CA ALA C 33 -30.24 -37.66 6.91
C ALA C 33 -30.40 -37.80 5.41
N VAL C 34 -29.33 -38.15 4.70
CA VAL C 34 -29.42 -38.41 3.27
C VAL C 34 -30.41 -39.54 3.02
N GLU C 35 -30.27 -40.61 3.79
CA GLU C 35 -31.17 -41.75 3.66
C GLU C 35 -32.61 -41.35 3.94
N MET C 36 -32.84 -40.55 4.98
CA MET C 36 -34.20 -40.20 5.35
C MET C 36 -34.81 -39.24 4.32
N CYS C 37 -34.00 -38.39 3.73
CA CYS C 37 -34.51 -37.45 2.73
C CYS C 37 -34.76 -38.09 1.37
N ASP C 38 -34.28 -39.31 1.15
CA ASP C 38 -34.46 -39.95 -0.15
C ASP C 38 -35.97 -40.13 -0.39
N ARG C 39 -36.45 -39.64 -1.56
CA ARG C 39 -37.90 -39.61 -1.73
C ARG C 39 -38.52 -41.00 -1.92
N HIS C 40 -37.75 -41.94 -2.45
CA HIS C 40 -38.28 -43.26 -2.72
C HIS C 40 -37.95 -44.27 -1.65
N PHE C 41 -36.73 -44.20 -1.10
CA PHE C 41 -36.28 -45.19 -0.11
C PHE C 41 -36.41 -44.71 1.32
N GLY C 42 -36.68 -43.43 1.52
CA GLY C 42 -36.82 -42.86 2.84
C GLY C 42 -38.15 -42.16 3.01
N ILE C 43 -38.13 -41.12 3.85
CA ILE C 43 -39.34 -40.34 4.10
C ILE C 43 -39.57 -39.37 2.93
N GLY C 44 -38.52 -38.69 2.53
CA GLY C 44 -38.54 -37.76 1.39
C GLY C 44 -38.69 -36.34 1.89
N ALA C 45 -37.65 -35.53 1.64
CA ALA C 45 -37.64 -34.14 2.08
C ALA C 45 -36.47 -33.42 1.44
N ASP C 46 -36.52 -32.07 1.50
CA ASP C 46 -35.41 -31.25 1.08
C ASP C 46 -34.38 -31.09 2.19
N GLY C 47 -34.77 -31.42 3.43
CA GLY C 47 -33.82 -31.33 4.54
C GLY C 47 -34.40 -31.91 5.81
N VAL C 48 -33.49 -32.10 6.77
CA VAL C 48 -33.85 -32.46 8.15
C VAL C 48 -33.50 -31.27 9.02
N ILE C 49 -34.43 -30.89 9.88
CA ILE C 49 -34.29 -29.75 10.76
C ILE C 49 -34.42 -30.25 12.21
N PHE C 50 -33.45 -29.86 13.04
CA PHE C 50 -33.42 -30.23 14.44
C PHE C 50 -33.78 -29.03 15.30
N ALA C 51 -34.77 -29.24 16.20
CA ALA C 51 -35.12 -28.30 17.25
C ALA C 51 -34.22 -28.65 18.43
N LEU C 52 -33.25 -27.79 18.69
CA LEU C 52 -32.15 -28.03 19.61
C LEU C 52 -32.23 -27.05 20.78
N PRO C 53 -31.54 -27.36 21.87
CA PRO C 53 -31.53 -26.44 23.00
C PRO C 53 -30.92 -25.08 22.64
N GLY C 54 -31.44 -24.05 23.31
CA GLY C 54 -30.93 -22.70 23.12
C GLY C 54 -29.47 -22.57 23.52
N GLU C 55 -28.79 -21.59 22.91
CA GLU C 55 -27.38 -21.31 23.13
C GLU C 55 -27.24 -19.82 23.35
N ASN C 56 -26.49 -19.40 24.38
CA ASN C 56 -26.12 -17.99 24.51
C ASN C 56 -27.36 -17.09 24.52
N GLY C 57 -28.33 -17.47 25.35
CA GLY C 57 -29.49 -16.66 25.59
C GLY C 57 -30.67 -16.92 24.69
N THR C 58 -30.48 -17.60 23.55
CA THR C 58 -31.62 -17.80 22.67
C THR C 58 -32.58 -18.82 23.27
N ASP C 59 -33.80 -18.87 22.74
CA ASP C 59 -34.79 -19.82 23.21
C ASP C 59 -34.49 -21.24 22.72
N TYR C 60 -34.08 -21.37 21.46
CA TYR C 60 -33.80 -22.66 20.86
C TYR C 60 -32.70 -22.48 19.84
N THR C 61 -32.17 -23.60 19.33
CA THR C 61 -31.21 -23.59 18.23
C THR C 61 -31.78 -24.40 17.08
N MET C 62 -31.45 -23.97 15.86
CA MET C 62 -31.79 -24.73 14.68
C MET C 62 -30.51 -25.20 14.01
N ARG C 63 -30.42 -26.50 13.74
CA ARG C 63 -29.47 -27.00 12.75
C ARG C 63 -30.26 -27.72 11.69
N ILE C 64 -29.74 -27.67 10.47
CA ILE C 64 -30.42 -28.23 9.30
C ILE C 64 -29.38 -28.98 8.49
N PHE C 65 -29.75 -30.18 8.00
CA PHE C 65 -28.98 -30.89 7.00
C PHE C 65 -29.76 -30.86 5.69
N ASN C 66 -29.09 -30.46 4.59
CA ASN C 66 -29.70 -30.56 3.27
C ASN C 66 -29.91 -32.04 2.95
N SER C 67 -30.70 -32.31 1.89
CA SER C 67 -30.95 -33.69 1.49
C SER C 67 -29.69 -34.37 0.96
N ASP C 68 -28.64 -33.62 0.62
CA ASP C 68 -27.34 -34.20 0.29
C ASP C 68 -26.42 -34.42 1.49
N GLY C 69 -26.87 -34.10 2.70
CA GLY C 69 -26.08 -34.31 3.90
C GLY C 69 -25.27 -33.12 4.35
N SER C 70 -25.08 -32.12 3.51
CA SER C 70 -24.33 -30.92 3.88
C SER C 70 -25.11 -30.08 4.84
N GLU C 71 -24.40 -29.30 5.66
CA GLU C 71 -25.07 -28.52 6.69
C GLU C 71 -24.95 -27.04 6.34
N PRO C 72 -26.03 -26.43 5.82
CA PRO C 72 -26.03 -24.99 5.53
C PRO C 72 -26.27 -24.15 6.77
N GLU C 73 -26.05 -22.85 6.58
CA GLU C 73 -26.03 -21.91 7.72
C GLU C 73 -27.39 -21.39 8.11
N MET C 74 -28.39 -21.44 7.23
CA MET C 74 -29.68 -20.91 7.54
C MET C 74 -30.66 -21.46 6.51
N CYS C 75 -31.94 -21.32 6.82
CA CYS C 75 -33.06 -21.73 5.99
C CYS C 75 -34.32 -21.01 6.43
N GLY C 76 -34.85 -20.16 5.53
CA GLY C 76 -36.00 -19.38 5.87
C GLY C 76 -37.29 -20.15 5.92
N ASN C 77 -37.56 -21.02 4.92
CA ASN C 77 -38.76 -21.83 4.97
C ASN C 77 -38.70 -22.77 6.18
N GLY C 78 -37.49 -23.25 6.46
CA GLY C 78 -37.30 -24.14 7.58
C GLY C 78 -37.51 -23.47 8.92
N ILE C 79 -37.06 -22.21 9.06
CA ILE C 79 -37.29 -21.46 10.30
C ILE C 79 -38.77 -21.28 10.56
N ARG C 80 -39.56 -20.99 9.51
CA ARG C 80 -40.99 -20.85 9.69
C ARG C 80 -41.59 -22.17 10.17
N CYS C 81 -41.15 -23.30 9.58
CA CYS C 81 -41.72 -24.56 10.01
C CYS C 81 -41.28 -24.86 11.45
N LEU C 82 -40.00 -24.61 11.73
CA LEU C 82 -39.51 -24.80 13.10
C LEU C 82 -40.30 -23.98 14.12
N ALA C 83 -40.63 -22.73 13.81
CA ALA C 83 -41.42 -21.94 14.76
C ALA C 83 -42.76 -22.57 15.03
N ALA C 84 -43.43 -23.07 13.98
CA ALA C 84 -44.70 -23.73 14.12
C ALA C 84 -44.57 -25.01 14.94
N PHE C 85 -43.48 -25.74 14.72
CA PHE C 85 -43.21 -26.98 15.46
C PHE C 85 -42.95 -26.66 16.93
N LEU C 86 -42.14 -25.63 17.20
CA LEU C 86 -41.85 -25.28 18.60
C LEU C 86 -43.13 -24.87 19.32
N ALA C 87 -44.01 -24.15 18.62
CA ALA C 87 -45.25 -23.75 19.27
C ALA C 87 -46.09 -24.97 19.60
N ASP C 88 -46.09 -25.97 18.70
CA ASP C 88 -46.78 -27.23 19.05
C ASP C 88 -46.11 -27.92 20.22
N LEU C 89 -44.78 -27.98 20.24
CA LEU C 89 -44.12 -28.68 21.34
C LEU C 89 -44.40 -27.99 22.67
N GLU C 90 -44.43 -26.66 22.67
CA GLU C 90 -44.63 -25.92 23.90
C GLU C 90 -46.08 -26.00 24.32
N GLY C 91 -47.00 -26.00 23.36
CA GLY C 91 -48.40 -26.15 23.67
C GLY C 91 -48.87 -25.00 24.55
N LEU C 92 -49.68 -25.34 25.57
CA LEU C 92 -50.24 -24.31 26.44
C LEU C 92 -49.18 -23.61 27.30
N SER C 93 -47.98 -24.16 27.40
CA SER C 93 -46.89 -23.51 28.12
C SER C 93 -46.24 -22.37 27.34
N ARG C 94 -46.63 -22.15 26.08
CA ARG C 94 -46.05 -21.05 25.31
C ARG C 94 -46.55 -19.72 25.86
N ASN C 95 -45.63 -18.80 26.12
CA ASN C 95 -45.92 -17.50 26.72
C ASN C 95 -45.46 -16.31 25.88
N LYS C 96 -45.34 -16.48 24.57
CA LYS C 96 -44.81 -15.44 23.71
C LYS C 96 -45.10 -15.84 22.28
N ASP C 97 -45.07 -14.85 21.38
CA ASP C 97 -45.35 -15.06 19.97
C ASP C 97 -44.07 -15.06 19.13
N THR C 98 -42.93 -14.86 19.73
CA THR C 98 -41.68 -14.84 18.99
C THR C 98 -40.69 -15.76 19.66
N TYR C 99 -39.81 -16.36 18.87
CA TYR C 99 -38.68 -17.13 19.38
C TYR C 99 -37.40 -16.52 18.84
N ARG C 100 -36.37 -16.45 19.68
CA ARG C 100 -35.03 -16.12 19.27
C ARG C 100 -34.31 -17.44 19.05
N ILE C 101 -33.87 -17.66 17.82
CA ILE C 101 -33.33 -18.96 17.43
C ILE C 101 -31.87 -18.78 17.03
N HIS C 102 -31.00 -19.58 17.64
CA HIS C 102 -29.59 -19.55 17.29
C HIS C 102 -29.37 -20.41 16.05
N THR C 103 -28.68 -19.87 15.06
CA THR C 103 -28.30 -20.58 13.86
C THR C 103 -26.83 -20.34 13.58
N LEU C 104 -26.27 -21.13 12.69
CA LEU C 104 -24.90 -20.88 12.24
C LEU C 104 -24.71 -19.48 11.66
N ALA C 105 -25.76 -18.91 11.08
CA ALA C 105 -25.70 -17.56 10.53
C ALA C 105 -25.88 -16.45 11.56
N GLY C 106 -26.24 -16.77 12.81
CA GLY C 106 -26.56 -15.76 13.81
C GLY C 106 -27.96 -15.96 14.35
N VAL C 107 -28.44 -14.99 15.13
CA VAL C 107 -29.75 -15.11 15.74
C VAL C 107 -30.83 -14.71 14.74
N ILE C 108 -31.83 -15.56 14.61
CA ILE C 108 -32.95 -15.39 13.69
C ILE C 108 -34.22 -15.42 14.53
N THR C 109 -35.15 -14.47 14.28
CA THR C 109 -36.34 -14.35 15.11
C THR C 109 -37.64 -14.46 14.34
N PRO C 110 -38.24 -15.63 14.31
CA PRO C 110 -39.61 -15.75 13.81
C PRO C 110 -40.65 -15.24 14.78
N GLN C 111 -41.69 -14.67 14.21
CA GLN C 111 -42.85 -14.21 14.95
C GLN C 111 -44.10 -14.86 14.40
N LEU C 112 -44.89 -15.47 15.28
CA LEU C 112 -46.13 -16.11 14.90
C LEU C 112 -47.18 -15.02 14.84
N THR C 113 -47.66 -14.72 13.65
CA THR C 113 -48.57 -13.59 13.53
C THR C 113 -50.01 -14.03 13.64
N PRO C 114 -50.91 -13.08 13.86
CA PRO C 114 -52.28 -13.49 14.21
C PRO C 114 -52.96 -14.31 13.12
N ASP C 115 -52.64 -14.07 11.86
CA ASP C 115 -53.32 -14.69 10.73
C ASP C 115 -52.75 -16.04 10.32
N GLY C 116 -51.86 -16.62 11.13
CA GLY C 116 -51.33 -17.93 10.85
C GLY C 116 -50.03 -17.93 10.08
N GLN C 117 -49.60 -16.78 9.59
CA GLN C 117 -48.32 -16.70 8.91
C GLN C 117 -47.22 -16.52 9.94
N ILE C 118 -45.97 -16.62 9.49
CA ILE C 118 -44.82 -16.41 10.33
C ILE C 118 -43.97 -15.35 9.66
N LYS C 119 -43.68 -14.27 10.39
CA LYS C 119 -42.79 -13.20 9.95
C LYS C 119 -41.45 -13.34 10.61
N VAL C 120 -40.39 -13.37 9.81
CA VAL C 120 -39.05 -13.68 10.29
C VAL C 120 -38.10 -12.51 10.09
N ASP C 121 -37.42 -12.12 11.15
CA ASP C 121 -36.28 -11.24 11.09
C ASP C 121 -35.09 -12.07 10.65
N MET C 122 -34.71 -11.94 9.37
CA MET C 122 -33.68 -12.76 8.78
C MET C 122 -32.32 -12.11 8.86
N GLY C 123 -32.23 -10.93 9.47
CA GLY C 123 -30.96 -10.32 9.70
C GLY C 123 -30.50 -9.41 8.56
N LEU C 124 -29.26 -8.99 8.66
CA LEU C 124 -28.69 -8.11 7.63
C LEU C 124 -28.22 -8.93 6.43
N PRO C 125 -28.50 -8.50 5.22
CA PRO C 125 -27.88 -9.13 4.07
C PRO C 125 -26.40 -8.84 4.06
N ARG C 126 -25.62 -9.79 3.52
CA ARG C 126 -24.18 -9.69 3.46
C ARG C 126 -23.78 -9.58 1.99
N LEU C 127 -23.08 -8.48 1.65
CA LEU C 127 -22.94 -8.11 0.25
C LEU C 127 -21.53 -8.25 -0.28
N LEU C 128 -20.54 -8.44 0.57
CA LEU C 128 -19.15 -8.46 0.11
C LEU C 128 -18.80 -9.84 -0.40
N ALA C 129 -17.97 -9.88 -1.44
CA ALA C 129 -17.61 -11.15 -2.07
C ALA C 129 -17.03 -12.13 -1.06
N GLY C 130 -16.20 -11.64 -0.14
CA GLY C 130 -15.64 -12.50 0.89
C GLY C 130 -16.65 -13.12 1.82
N GLU C 131 -17.85 -12.55 1.89
CA GLU C 131 -18.89 -13.04 2.78
C GLU C 131 -19.82 -14.02 2.08
N ILE C 132 -19.71 -14.15 0.76
CA ILE C 132 -20.65 -14.97 -0.01
C ILE C 132 -20.41 -16.45 0.28
N PRO C 133 -19.22 -16.99 0.04
CA PRO C 133 -18.03 -16.43 -0.62
C PRO C 133 -18.02 -16.69 -2.09
N THR C 134 -17.41 -15.76 -2.82
CA THR C 134 -17.19 -15.93 -4.25
C THR C 134 -15.90 -15.26 -4.64
N ASN C 135 -15.30 -15.75 -5.72
CA ASN C 135 -14.10 -15.14 -6.27
C ASN C 135 -14.36 -14.23 -7.46
N ILE C 136 -15.62 -13.90 -7.74
CA ILE C 136 -15.93 -13.00 -8.85
C ILE C 136 -15.32 -11.63 -8.67
N ALA C 137 -15.22 -11.18 -7.43
CA ALA C 137 -14.64 -9.88 -7.13
C ALA C 137 -13.72 -10.03 -5.93
N ALA C 138 -12.98 -8.96 -5.63
CA ALA C 138 -12.16 -8.96 -4.43
C ALA C 138 -13.01 -9.08 -3.17
N ALA C 139 -12.41 -9.60 -2.12
CA ALA C 139 -13.17 -9.98 -0.93
C ALA C 139 -13.93 -8.81 -0.34
N ASP C 140 -13.40 -7.59 -0.48
CA ASP C 140 -13.96 -6.39 0.12
C ASP C 140 -14.90 -5.65 -0.81
N GLN C 141 -15.23 -6.23 -1.97
CA GLN C 141 -16.09 -5.61 -2.94
C GLN C 141 -17.44 -6.31 -3.02
N LYS C 142 -18.47 -5.53 -3.38
CA LYS C 142 -19.76 -6.09 -3.72
C LYS C 142 -19.70 -6.80 -5.10
N VAL C 143 -20.77 -7.55 -5.39
CA VAL C 143 -20.86 -8.33 -6.62
C VAL C 143 -22.20 -8.07 -7.25
N ILE C 144 -22.30 -6.98 -8.04
CA ILE C 144 -23.54 -6.49 -8.59
C ILE C 144 -23.46 -6.45 -10.10
N ASN C 145 -24.36 -7.15 -10.76
CA ASN C 145 -24.40 -7.25 -12.22
C ASN C 145 -23.01 -7.53 -12.79
N GLN C 146 -22.38 -8.57 -12.28
CA GLN C 146 -21.04 -8.99 -12.71
C GLN C 146 -21.12 -10.19 -13.63
N PRO C 147 -20.09 -10.42 -14.45
CA PRO C 147 -20.16 -11.55 -15.38
C PRO C 147 -19.82 -12.88 -14.73
N LEU C 148 -20.52 -13.90 -15.20
CA LEU C 148 -20.20 -15.30 -14.84
C LEU C 148 -20.39 -16.15 -16.08
N GLU C 149 -19.27 -16.72 -16.59
CA GLU C 149 -19.33 -17.62 -17.73
C GLU C 149 -19.66 -19.01 -17.25
N VAL C 150 -20.73 -19.56 -17.77
CA VAL C 150 -21.21 -20.89 -17.43
C VAL C 150 -21.33 -21.62 -18.74
N GLU C 151 -20.39 -22.54 -18.99
CA GLU C 151 -20.41 -23.31 -20.24
C GLU C 151 -20.33 -22.41 -21.45
N GLY C 152 -19.44 -21.43 -21.40
CA GLY C 152 -19.20 -20.57 -22.53
C GLY C 152 -20.20 -19.44 -22.77
N LYS C 153 -21.35 -19.41 -22.06
CA LYS C 153 -22.30 -18.30 -22.12
C LYS C 153 -22.12 -17.42 -20.89
N THR C 154 -22.09 -16.11 -21.09
CA THR C 154 -21.85 -15.19 -20.00
C THR C 154 -23.18 -14.70 -19.46
N TRP C 155 -23.38 -14.92 -18.15
CA TRP C 155 -24.55 -14.46 -17.47
C TRP C 155 -24.19 -13.26 -16.62
N GLU C 156 -25.17 -12.37 -16.41
CA GLU C 156 -24.97 -11.27 -15.48
C GLU C 156 -25.56 -11.70 -14.13
N VAL C 157 -24.75 -11.65 -13.08
CA VAL C 157 -25.14 -12.20 -11.76
C VAL C 157 -24.86 -11.17 -10.67
N THR C 158 -25.64 -11.27 -9.60
CA THR C 158 -25.47 -10.48 -8.40
C THR C 158 -25.43 -11.50 -7.25
N CYS C 159 -24.48 -11.34 -6.36
CA CYS C 159 -24.38 -12.27 -5.24
C CYS C 159 -24.67 -11.60 -3.93
N VAL C 160 -25.44 -12.32 -3.09
CA VAL C 160 -25.87 -11.87 -1.77
C VAL C 160 -25.79 -13.07 -0.86
N SER C 161 -25.36 -12.87 0.39
CA SER C 161 -25.46 -13.90 1.42
C SER C 161 -26.50 -13.55 2.49
N MET C 162 -27.30 -14.53 2.84
CA MET C 162 -28.24 -14.45 3.98
C MET C 162 -27.73 -15.33 5.11
N GLY C 163 -26.42 -15.48 5.20
CA GLY C 163 -25.77 -16.51 5.99
C GLY C 163 -25.31 -17.67 5.15
N ASN C 164 -26.05 -17.95 4.06
CA ASN C 164 -25.69 -18.87 2.99
C ASN C 164 -25.55 -18.13 1.66
N PRO C 165 -24.88 -18.72 0.69
CA PRO C 165 -24.59 -18.00 -0.56
C PRO C 165 -25.67 -18.07 -1.61
N HIS C 166 -25.90 -16.94 -2.29
CA HIS C 166 -26.87 -16.85 -3.38
C HIS C 166 -26.28 -16.12 -4.58
N CYS C 167 -26.62 -16.62 -5.77
CA CYS C 167 -26.20 -16.11 -7.06
C CYS C 167 -27.49 -15.88 -7.85
N ILE C 168 -27.81 -14.62 -8.10
CA ILE C 168 -29.09 -14.21 -8.63
C ILE C 168 -28.90 -13.66 -10.05
N THR C 169 -29.74 -14.11 -10.97
CA THR C 169 -29.65 -13.61 -12.36
C THR C 169 -31.08 -13.28 -12.81
N PHE C 170 -31.20 -12.15 -13.53
CA PHE C 170 -32.50 -11.65 -13.95
C PHE C 170 -32.74 -12.04 -15.41
N VAL C 171 -33.89 -12.64 -15.68
CA VAL C 171 -34.28 -13.20 -16.97
C VAL C 171 -35.63 -12.69 -17.45
N GLU C 172 -35.85 -12.80 -18.77
CA GLU C 172 -37.14 -12.35 -19.34
C GLU C 172 -38.27 -13.36 -19.12
N ASP C 173 -37.97 -14.67 -19.06
CA ASP C 173 -38.99 -15.71 -19.01
C ASP C 173 -38.43 -16.82 -18.12
N VAL C 174 -38.81 -16.79 -16.85
CA VAL C 174 -38.21 -17.73 -15.91
C VAL C 174 -38.71 -19.15 -16.15
N ALA C 175 -39.96 -19.32 -16.61
CA ALA C 175 -40.47 -20.64 -16.94
C ALA C 175 -39.64 -21.34 -18.01
N ALA C 176 -38.92 -20.59 -18.82
CA ALA C 176 -38.17 -21.12 -19.94
C ALA C 176 -36.76 -21.56 -19.57
N ILE C 177 -36.33 -21.34 -18.33
CA ILE C 177 -34.96 -21.73 -17.96
C ILE C 177 -34.90 -23.25 -17.83
N PRO C 178 -33.87 -23.92 -18.44
CA PRO C 178 -33.66 -25.38 -18.38
C PRO C 178 -32.96 -25.73 -17.07
N LEU C 179 -33.76 -25.64 -16.00
CA LEU C 179 -33.19 -25.53 -14.67
C LEU C 179 -32.44 -26.80 -14.26
N GLU C 180 -32.96 -27.98 -14.66
CA GLU C 180 -32.30 -29.25 -14.33
C GLU C 180 -30.91 -29.34 -14.93
N THR C 181 -30.72 -28.70 -16.08
CA THR C 181 -29.45 -28.75 -16.82
C THR C 181 -28.48 -27.70 -16.31
N ILE C 182 -28.91 -26.44 -16.18
CA ILE C 182 -28.00 -25.35 -15.88
C ILE C 182 -27.82 -25.13 -14.38
N GLY C 183 -28.79 -25.50 -13.57
CA GLY C 183 -28.70 -25.31 -12.14
C GLY C 183 -27.40 -25.83 -11.53
N PRO C 184 -27.08 -27.12 -11.74
CA PRO C 184 -25.85 -27.66 -11.15
C PRO C 184 -24.60 -26.99 -11.65
N LYS C 185 -24.64 -26.42 -12.86
CA LYS C 185 -23.46 -25.77 -13.38
C LYS C 185 -23.18 -24.46 -12.67
N PHE C 186 -24.22 -23.78 -12.18
CA PHE C 186 -24.01 -22.65 -11.29
C PHE C 186 -23.60 -23.11 -9.91
N GLU C 187 -24.27 -24.16 -9.41
CA GLU C 187 -24.05 -24.60 -8.04
C GLU C 187 -22.58 -24.89 -7.81
N HIS C 188 -21.99 -25.60 -8.75
CA HIS C 188 -20.61 -26.08 -8.64
C HIS C 188 -19.61 -25.25 -9.39
N HIS C 189 -19.97 -24.05 -9.82
CA HIS C 189 -19.03 -23.27 -10.60
C HIS C 189 -17.82 -22.96 -9.75
N PRO C 190 -16.60 -22.99 -10.33
CA PRO C 190 -15.38 -22.73 -9.56
C PRO C 190 -15.36 -21.37 -8.85
N ALA C 191 -16.19 -20.44 -9.32
CA ALA C 191 -16.26 -19.13 -8.68
C ALA C 191 -16.78 -19.18 -7.27
N PHE C 192 -17.40 -20.29 -6.86
CA PHE C 192 -18.07 -20.41 -5.55
C PHE C 192 -17.39 -21.49 -4.75
N PRO C 193 -16.45 -21.14 -3.89
CA PRO C 193 -15.68 -22.19 -3.20
C PRO C 193 -16.51 -23.07 -2.29
N GLN C 194 -17.63 -22.58 -1.77
CA GLN C 194 -18.52 -23.35 -0.91
C GLN C 194 -19.82 -23.69 -1.62
N ARG C 195 -19.81 -23.69 -2.95
CA ARG C 195 -20.98 -23.81 -3.79
C ARG C 195 -21.90 -22.62 -3.58
N THR C 196 -23.01 -22.60 -4.29
CA THR C 196 -23.99 -21.52 -4.15
C THR C 196 -25.38 -22.04 -4.44
N ASN C 197 -26.37 -21.35 -3.88
CA ASN C 197 -27.74 -21.44 -4.35
C ASN C 197 -27.87 -20.49 -5.55
N THR C 198 -28.77 -20.82 -6.48
CA THR C 198 -28.89 -20.02 -7.71
C THR C 198 -30.36 -19.72 -7.96
N GLU C 199 -30.65 -18.42 -8.10
CA GLU C 199 -32.00 -17.94 -8.29
C GLU C 199 -32.08 -17.25 -9.65
N PHE C 200 -33.12 -17.61 -10.40
CA PHE C 200 -33.46 -16.98 -11.68
C PHE C 200 -34.73 -16.19 -11.43
N ILE C 201 -34.68 -14.90 -11.75
CA ILE C 201 -35.73 -13.96 -11.38
C ILE C 201 -36.28 -13.26 -12.60
N GLN C 202 -37.59 -13.31 -12.75
CA GLN C 202 -38.33 -12.52 -13.74
C GLN C 202 -39.03 -11.40 -12.99
N VAL C 203 -38.64 -10.16 -13.26
CA VAL C 203 -39.29 -9.01 -12.65
C VAL C 203 -40.62 -8.76 -13.34
N VAL C 204 -41.71 -8.86 -12.62
CA VAL C 204 -43.05 -8.58 -13.16
C VAL C 204 -43.41 -7.13 -12.98
N SER C 205 -43.11 -6.57 -11.82
CA SER C 205 -43.23 -5.16 -11.54
C SER C 205 -42.25 -4.83 -10.44
N ARG C 206 -42.21 -3.55 -10.04
CA ARG C 206 -41.26 -3.15 -9.03
C ARG C 206 -41.61 -3.74 -7.65
N ASP C 207 -42.75 -4.36 -7.49
CA ASP C 207 -43.09 -5.00 -6.21
C ASP C 207 -43.46 -6.46 -6.37
N TYR C 208 -43.04 -7.09 -7.48
CA TYR C 208 -43.46 -8.47 -7.76
C TYR C 208 -42.41 -9.17 -8.58
N LEU C 209 -41.80 -10.18 -7.97
CA LEU C 209 -40.75 -10.95 -8.58
C LEU C 209 -41.21 -12.38 -8.71
N LYS C 210 -40.88 -13.03 -9.83
CA LYS C 210 -41.15 -14.46 -9.99
C LYS C 210 -39.79 -15.15 -9.96
N MET C 211 -39.70 -16.23 -9.14
CA MET C 211 -38.41 -16.88 -8.91
C MET C 211 -38.46 -18.37 -9.12
N ARG C 212 -37.39 -18.89 -9.72
CA ARG C 212 -37.16 -20.33 -9.69
C ARG C 212 -35.76 -20.51 -9.13
N VAL C 213 -35.51 -21.65 -8.46
CA VAL C 213 -34.25 -21.82 -7.75
C VAL C 213 -33.69 -23.23 -7.97
N TRP C 214 -32.36 -23.31 -8.05
CA TRP C 214 -31.58 -24.55 -7.93
C TRP C 214 -30.76 -24.41 -6.66
N GLU C 215 -31.15 -25.16 -5.63
CA GLU C 215 -30.55 -25.00 -4.32
C GLU C 215 -29.28 -25.85 -4.19
N ARG C 216 -28.27 -25.26 -3.59
CA ARG C 216 -27.11 -26.01 -3.12
C ARG C 216 -27.59 -27.18 -2.25
N GLY C 217 -27.10 -28.36 -2.57
CA GLY C 217 -27.42 -29.50 -1.74
C GLY C 217 -28.82 -30.04 -1.80
N ALA C 218 -29.72 -29.48 -2.61
CA ALA C 218 -31.10 -29.90 -2.63
C ALA C 218 -31.72 -29.93 -4.02
N GLY C 219 -31.18 -29.19 -4.97
CA GLY C 219 -31.72 -29.25 -6.30
C GLY C 219 -32.90 -28.32 -6.51
N ILE C 220 -33.80 -28.76 -7.39
CA ILE C 220 -34.99 -27.97 -7.66
C ILE C 220 -35.93 -28.10 -6.46
N THR C 221 -36.23 -26.97 -5.86
CA THR C 221 -37.17 -26.88 -4.78
C THR C 221 -38.30 -25.96 -5.21
N LEU C 222 -39.42 -26.06 -4.48
CA LEU C 222 -40.61 -25.29 -4.82
C LEU C 222 -40.58 -23.90 -4.18
N ALA C 223 -39.61 -23.64 -3.30
CA ALA C 223 -39.57 -22.36 -2.61
C ALA C 223 -38.25 -22.32 -1.85
N CYS C 224 -37.71 -21.12 -1.68
CA CYS C 224 -36.51 -20.91 -0.89
C CYS C 224 -36.60 -19.55 -0.21
N GLY C 225 -36.66 -19.53 1.12
CA GLY C 225 -36.84 -18.26 1.80
C GLY C 225 -35.59 -17.41 1.85
N THR C 226 -34.45 -18.02 2.16
CA THR C 226 -33.20 -17.26 2.05
C THR C 226 -32.99 -16.78 0.60
N GLY C 227 -33.38 -17.59 -0.38
CA GLY C 227 -33.18 -17.20 -1.78
C GLY C 227 -34.13 -16.09 -2.23
N ALA C 228 -35.36 -16.11 -1.72
CA ALA C 228 -36.30 -15.01 -1.98
C ALA C 228 -35.79 -13.72 -1.38
N CYS C 229 -35.26 -13.79 -0.15
CA CYS C 229 -34.67 -12.61 0.50
C CYS C 229 -33.49 -12.08 -0.31
N ALA C 230 -32.57 -12.95 -0.71
CA ALA C 230 -31.40 -12.56 -1.45
C ALA C 230 -31.78 -11.99 -2.82
N SER C 231 -32.86 -12.52 -3.41
CA SER C 231 -33.31 -12.05 -4.73
C SER C 231 -33.91 -10.64 -4.63
N LEU C 232 -34.68 -10.38 -3.59
CA LEU C 232 -35.17 -9.02 -3.38
C LEU C 232 -34.03 -8.05 -3.14
N VAL C 233 -33.04 -8.42 -2.32
CA VAL C 233 -31.86 -7.57 -2.13
C VAL C 233 -31.20 -7.28 -3.48
N ALA C 234 -31.01 -8.31 -4.29
CA ALA C 234 -30.32 -8.11 -5.58
C ALA C 234 -31.14 -7.22 -6.49
N ALA C 235 -32.45 -7.37 -6.46
CA ALA C 235 -33.32 -6.54 -7.28
C ALA C 235 -33.25 -5.08 -6.85
N VAL C 236 -33.16 -4.83 -5.53
CA VAL C 236 -32.94 -3.45 -5.06
C VAL C 236 -31.57 -2.94 -5.50
N LEU C 237 -30.51 -3.76 -5.26
CA LEU C 237 -29.16 -3.31 -5.54
C LEU C 237 -29.03 -2.94 -7.00
N THR C 238 -29.78 -3.59 -7.88
CA THR C 238 -29.63 -3.40 -9.33
C THR C 238 -30.65 -2.39 -9.84
N GLY C 239 -31.42 -1.81 -8.94
CA GLY C 239 -32.44 -0.82 -9.29
C GLY C 239 -33.67 -1.33 -9.97
N ARG C 240 -33.93 -2.65 -9.90
CA ARG C 240 -35.04 -3.27 -10.59
C ARG C 240 -36.33 -3.34 -9.79
N SER C 241 -36.23 -3.25 -8.45
CA SER C 241 -37.41 -3.36 -7.60
C SER C 241 -37.31 -2.44 -6.38
N ASP C 242 -38.49 -2.23 -5.77
CA ASP C 242 -38.63 -1.56 -4.49
C ASP C 242 -38.22 -2.52 -3.36
N ARG C 243 -38.12 -1.98 -2.14
CA ARG C 243 -37.69 -2.78 -1.00
C ARG C 243 -38.80 -3.60 -0.35
N LEU C 244 -40.04 -3.51 -0.79
CA LEU C 244 -41.12 -4.40 -0.38
C LEU C 244 -41.68 -5.04 -1.63
N ALA C 245 -41.65 -6.38 -1.69
CA ALA C 245 -42.16 -7.08 -2.84
C ALA C 245 -42.71 -8.43 -2.48
N THR C 246 -43.63 -8.91 -3.30
CA THR C 246 -44.01 -10.31 -3.31
C THR C 246 -43.01 -11.05 -4.17
N VAL C 247 -42.50 -12.17 -3.66
CA VAL C 247 -41.71 -13.10 -4.46
C VAL C 247 -42.56 -14.33 -4.68
N GLU C 248 -42.96 -14.56 -5.93
CA GLU C 248 -43.78 -15.68 -6.31
C GLU C 248 -42.89 -16.84 -6.66
N LEU C 249 -42.99 -17.90 -5.89
CA LEU C 249 -42.26 -19.13 -6.11
C LEU C 249 -43.16 -20.22 -6.65
N PRO C 250 -42.58 -21.33 -7.14
CA PRO C 250 -43.43 -22.41 -7.64
C PRO C 250 -44.48 -22.85 -6.66
N GLY C 251 -44.16 -22.81 -5.35
CA GLY C 251 -45.04 -23.25 -4.31
C GLY C 251 -45.95 -22.21 -3.74
N GLY C 252 -45.79 -20.96 -4.17
CA GLY C 252 -46.60 -19.87 -3.69
C GLY C 252 -45.76 -18.66 -3.32
N PRO C 253 -46.41 -17.67 -2.73
CA PRO C 253 -45.75 -16.38 -2.51
C PRO C 253 -45.17 -16.17 -1.11
N LEU C 254 -44.05 -15.46 -1.06
CA LEU C 254 -43.48 -14.88 0.16
C LEU C 254 -43.53 -13.36 0.06
N GLU C 255 -43.68 -12.69 1.18
CA GLU C 255 -43.63 -11.24 1.25
C GLU C 255 -42.28 -10.88 1.86
N ILE C 256 -41.49 -10.10 1.14
CA ILE C 256 -40.13 -9.76 1.55
C ILE C 256 -40.03 -8.25 1.72
N GLU C 257 -39.40 -7.81 2.80
CA GLU C 257 -39.17 -6.39 3.08
C GLU C 257 -37.74 -6.18 3.51
N TRP C 258 -37.00 -5.34 2.78
CA TRP C 258 -35.69 -4.87 3.20
C TRP C 258 -35.93 -3.55 3.91
N SER C 259 -36.04 -3.60 5.23
CA SER C 259 -36.47 -2.43 5.96
C SER C 259 -35.46 -1.28 5.87
N GLU C 260 -35.98 -0.08 5.68
CA GLU C 260 -35.16 1.12 5.76
C GLU C 260 -34.88 1.57 7.19
N VAL C 261 -35.65 1.06 8.18
CA VAL C 261 -35.44 1.41 9.59
C VAL C 261 -34.15 0.81 10.11
N ASP C 262 -33.96 -0.51 9.93
CA ASP C 262 -32.81 -1.20 10.48
C ASP C 262 -31.95 -1.95 9.47
N GLN C 263 -32.26 -1.83 8.17
CA GLN C 263 -31.56 -2.50 7.06
C GLN C 263 -31.60 -4.02 7.12
N ARG C 264 -32.46 -4.59 7.96
CA ARG C 264 -32.62 -6.04 8.02
C ARG C 264 -33.69 -6.46 7.05
N ILE C 265 -33.67 -7.76 6.73
CA ILE C 265 -34.67 -8.40 5.87
C ILE C 265 -35.72 -9.07 6.71
N TYR C 266 -36.98 -8.83 6.37
CA TYR C 266 -38.13 -9.50 6.96
C TYR C 266 -38.82 -10.36 5.92
N MET C 267 -39.06 -11.61 6.24
CA MET C 267 -39.74 -12.52 5.33
C MET C 267 -40.97 -13.09 5.99
N THR C 268 -42.12 -12.99 5.34
CA THR C 268 -43.35 -13.55 5.89
C THR C 268 -43.92 -14.62 4.96
N GLY C 269 -44.30 -15.75 5.50
CA GLY C 269 -44.92 -16.78 4.73
C GLY C 269 -45.52 -17.84 5.62
N PRO C 270 -46.11 -18.87 5.03
CA PRO C 270 -46.78 -19.91 5.80
C PRO C 270 -45.88 -21.08 6.21
N ALA C 271 -46.45 -21.93 7.06
CA ALA C 271 -45.84 -23.21 7.40
C ALA C 271 -46.97 -24.19 7.58
N ASP C 272 -46.81 -25.41 7.05
CA ASP C 272 -47.88 -26.39 7.06
C ASP C 272 -47.38 -27.71 7.62
N ARG C 273 -48.08 -28.22 8.63
CA ARG C 273 -47.77 -29.53 9.20
C ARG C 273 -48.54 -30.57 8.39
N VAL C 274 -47.81 -31.53 7.82
CA VAL C 274 -48.42 -32.49 6.91
C VAL C 274 -48.80 -33.78 7.63
N PHE C 275 -47.86 -34.40 8.32
CA PHE C 275 -48.11 -35.67 9.01
C PHE C 275 -47.01 -35.89 10.04
N THR C 276 -47.29 -36.79 10.98
CA THR C 276 -46.32 -37.21 11.96
C THR C 276 -46.03 -38.67 11.70
N GLY C 277 -44.82 -39.10 11.98
CA GLY C 277 -44.47 -40.48 11.74
C GLY C 277 -43.36 -41.01 12.63
N LYS C 278 -43.12 -42.30 12.47
CA LYS C 278 -42.07 -43.02 13.18
C LYS C 278 -41.33 -43.94 12.22
N LEU C 279 -40.00 -43.84 12.19
CA LEU C 279 -39.22 -44.75 11.37
C LEU C 279 -39.33 -46.20 11.84
N HIS C 280 -39.43 -47.14 10.89
CA HIS C 280 -39.50 -48.57 11.26
C HIS C 280 -38.19 -49.04 11.90
N ALA D 2 -6.54 37.17 -34.23
CA ALA D 2 -5.36 37.63 -34.97
C ALA D 2 -4.11 37.31 -34.18
N ILE D 3 -4.27 36.65 -33.05
CA ILE D 3 -3.18 36.36 -32.15
C ILE D 3 -2.73 34.93 -32.45
N GLU D 4 -1.46 34.75 -32.81
CA GLU D 4 -0.89 33.42 -32.94
C GLU D 4 -0.18 33.04 -31.66
N PHE D 5 -0.22 31.75 -31.35
CA PHE D 5 0.35 31.27 -30.12
C PHE D 5 0.75 29.81 -30.26
N THR D 6 1.55 29.34 -29.33
CA THR D 6 1.91 27.93 -29.23
C THR D 6 1.58 27.44 -27.84
N LYS D 7 0.94 26.28 -27.75
CA LYS D 7 0.63 25.67 -26.46
C LYS D 7 1.76 24.76 -26.04
N TYR D 8 2.25 24.93 -24.82
CA TYR D 8 3.28 24.08 -24.23
C TYR D 8 2.79 23.58 -22.88
N HIS D 9 3.39 22.51 -22.36
CA HIS D 9 3.26 22.17 -20.94
C HIS D 9 4.61 21.71 -20.43
N GLY D 10 4.87 21.99 -19.15
CA GLY D 10 5.98 21.39 -18.44
C GLY D 10 5.40 20.53 -17.36
N LEU D 11 5.44 19.18 -17.56
CA LEU D 11 4.85 18.24 -16.64
C LEU D 11 3.35 18.51 -16.42
N GLY D 12 2.64 18.96 -17.45
CA GLY D 12 1.21 19.16 -17.34
C GLY D 12 0.80 20.54 -16.81
N ASN D 13 1.75 21.35 -16.39
CA ASN D 13 1.53 22.76 -16.07
C ASN D 13 1.57 23.45 -17.42
N ASP D 14 0.42 23.90 -17.90
CA ASP D 14 0.28 24.23 -19.32
C ASP D 14 0.14 25.74 -19.58
N PHE D 15 0.73 26.16 -20.68
CA PHE D 15 0.89 27.59 -20.96
C PHE D 15 0.65 27.91 -22.41
N ILE D 16 0.17 29.13 -22.61
CA ILE D 16 0.07 29.76 -23.92
C ILE D 16 1.29 30.63 -24.09
N LEU D 17 2.14 30.34 -25.09
CA LEU D 17 3.35 31.10 -25.34
C LEU D 17 3.11 32.03 -26.53
N ILE D 18 3.52 33.27 -26.37
CA ILE D 18 3.31 34.32 -27.36
C ILE D 18 4.67 34.88 -27.74
N ASP D 19 4.95 34.92 -29.04
CA ASP D 19 6.16 35.58 -29.53
C ASP D 19 5.96 37.07 -29.46
N ASN D 20 6.57 37.73 -28.48
CA ASN D 20 6.38 39.15 -28.24
C ASN D 20 7.70 39.90 -28.46
N ARG D 21 8.56 39.38 -29.33
CA ARG D 21 9.85 40.02 -29.54
C ARG D 21 9.71 41.34 -30.29
N ALA D 22 8.56 41.58 -30.90
CA ALA D 22 8.38 42.80 -31.68
C ALA D 22 8.24 44.03 -30.80
N SER D 23 7.98 43.86 -29.50
CA SER D 23 7.72 45.05 -28.66
C SER D 23 7.88 44.70 -27.20
N LYS D 24 8.22 45.70 -26.40
CA LYS D 24 8.24 45.52 -24.95
C LYS D 24 6.84 45.52 -24.34
N THR D 25 5.83 45.93 -25.09
CA THR D 25 4.46 45.92 -24.61
C THR D 25 3.84 44.56 -24.83
N PRO D 26 3.34 43.88 -23.79
CA PRO D 26 2.67 42.59 -24.04
C PRO D 26 1.52 42.74 -24.99
N ALA D 27 1.33 41.73 -25.84
CA ALA D 27 0.33 41.78 -26.89
C ALA D 27 -1.08 41.62 -26.37
N ILE D 28 -1.27 41.19 -25.13
CA ILE D 28 -2.60 41.02 -24.56
C ILE D 28 -2.61 41.60 -23.15
N THR D 29 -3.78 42.03 -22.74
CA THR D 29 -3.97 42.55 -21.40
C THR D 29 -4.19 41.42 -20.41
N PRO D 30 -4.06 41.70 -19.13
CA PRO D 30 -4.41 40.66 -18.15
C PRO D 30 -5.83 40.18 -18.26
N GLU D 31 -6.77 41.07 -18.60
CA GLU D 31 -8.16 40.65 -18.72
C GLU D 31 -8.33 39.68 -19.88
N LYS D 32 -7.65 39.96 -21.00
CA LYS D 32 -7.72 39.05 -22.15
C LYS D 32 -7.01 37.74 -21.81
N ALA D 33 -5.96 37.78 -21.02
CA ALA D 33 -5.30 36.53 -20.61
C ALA D 33 -6.25 35.64 -19.83
N VAL D 34 -7.09 36.24 -18.97
CA VAL D 34 -8.07 35.45 -18.23
C VAL D 34 -9.00 34.75 -19.20
N GLU D 35 -9.48 35.50 -20.19
CA GLU D 35 -10.36 34.93 -21.21
C GLU D 35 -9.67 33.82 -21.97
N MET D 36 -8.39 34.00 -22.34
CA MET D 36 -7.70 33.01 -23.14
C MET D 36 -7.37 31.78 -22.33
N CYS D 37 -7.14 31.94 -21.00
CA CYS D 37 -6.84 30.80 -20.17
C CYS D 37 -8.09 30.00 -19.75
N ASP D 38 -9.27 30.52 -20.01
CA ASP D 38 -10.47 29.81 -19.60
C ASP D 38 -10.56 28.48 -20.35
N ARG D 39 -10.73 27.39 -19.62
CA ARG D 39 -10.63 26.06 -20.25
C ARG D 39 -11.77 25.76 -21.21
N HIS D 40 -12.94 26.35 -20.99
CA HIS D 40 -14.10 26.04 -21.80
C HIS D 40 -14.41 27.10 -22.83
N PHE D 41 -14.18 28.39 -22.52
CA PHE D 41 -14.52 29.48 -23.40
C PHE D 41 -13.32 30.01 -24.20
N GLY D 42 -12.11 29.62 -23.77
CA GLY D 42 -10.88 30.10 -24.39
C GLY D 42 -10.02 28.95 -24.88
N ILE D 43 -8.70 29.17 -24.86
CA ILE D 43 -7.74 28.12 -25.23
C ILE D 43 -7.55 27.15 -24.12
N GLY D 44 -7.41 27.65 -22.88
CA GLY D 44 -7.25 26.82 -21.70
C GLY D 44 -5.80 26.68 -21.32
N ALA D 45 -5.40 27.20 -20.16
CA ALA D 45 -4.02 27.16 -19.73
C ALA D 45 -3.97 27.61 -18.27
N ASP D 46 -2.84 27.32 -17.65
CA ASP D 46 -2.53 27.85 -16.29
C ASP D 46 -1.95 29.25 -16.38
N GLY D 47 -1.50 29.69 -17.55
CA GLY D 47 -0.92 31.03 -17.69
C GLY D 47 -0.59 31.35 -19.14
N VAL D 48 -0.35 32.63 -19.37
CA VAL D 48 0.16 33.14 -20.65
C VAL D 48 1.57 33.60 -20.40
N ILE D 49 2.49 33.22 -21.29
CA ILE D 49 3.89 33.58 -21.17
C ILE D 49 4.29 34.34 -22.42
N PHE D 50 4.93 35.50 -22.23
CA PHE D 50 5.38 36.37 -23.29
C PHE D 50 6.89 36.25 -23.45
N ALA D 51 7.33 35.96 -24.68
CA ALA D 51 8.75 36.01 -25.03
C ALA D 51 9.00 37.44 -25.46
N LEU D 52 9.70 38.20 -24.64
CA LEU D 52 9.85 39.64 -24.81
C LEU D 52 11.30 39.99 -25.10
N PRO D 53 11.56 41.20 -25.56
CA PRO D 53 12.95 41.63 -25.78
C PRO D 53 13.78 41.62 -24.49
N GLY D 54 15.08 41.36 -24.66
CA GLY D 54 15.99 41.39 -23.53
C GLY D 54 16.14 42.77 -22.92
N GLU D 55 16.51 42.80 -21.64
CA GLU D 55 16.70 44.03 -20.89
C GLU D 55 18.03 43.93 -20.17
N ASN D 56 18.85 44.99 -20.22
CA ASN D 56 20.03 45.08 -19.34
C ASN D 56 20.93 43.86 -19.55
N GLY D 57 21.18 43.56 -20.81
CA GLY D 57 22.14 42.57 -21.18
C GLY D 57 21.57 41.19 -21.39
N THR D 58 20.38 40.88 -20.89
CA THR D 58 19.88 39.53 -21.03
C THR D 58 19.52 39.30 -22.50
N ASP D 59 19.35 38.02 -22.84
CA ASP D 59 18.97 37.66 -24.21
C ASP D 59 17.50 37.93 -24.49
N TYR D 60 16.62 37.63 -23.51
CA TYR D 60 15.19 37.81 -23.66
C TYR D 60 14.64 38.16 -22.29
N THR D 61 13.36 38.53 -22.25
CA THR D 61 12.63 38.73 -21.00
C THR D 61 11.41 37.85 -21.01
N MET D 62 11.04 37.38 -19.83
CA MET D 62 9.83 36.59 -19.65
C MET D 62 8.91 37.40 -18.75
N ARG D 63 7.68 37.62 -19.22
CA ARG D 63 6.58 37.98 -18.32
C ARG D 63 5.52 36.91 -18.42
N ILE D 64 4.76 36.74 -17.35
CA ILE D 64 3.76 35.69 -17.29
C ILE D 64 2.55 36.25 -16.59
N PHE D 65 1.38 35.97 -17.12
CA PHE D 65 0.13 36.18 -16.41
C PHE D 65 -0.44 34.84 -15.96
N ASN D 66 -0.85 34.73 -14.68
CA ASN D 66 -1.58 33.56 -14.23
C ASN D 66 -2.95 33.54 -14.89
N SER D 67 -3.61 32.39 -14.83
CA SER D 67 -4.95 32.28 -15.41
C SER D 67 -5.98 33.18 -14.70
N ASP D 68 -5.67 33.70 -13.50
CA ASP D 68 -6.55 34.72 -12.92
C ASP D 68 -6.19 36.14 -13.30
N GLY D 69 -5.21 36.35 -14.17
CA GLY D 69 -4.85 37.67 -14.59
C GLY D 69 -3.71 38.32 -13.83
N SER D 70 -3.36 37.81 -12.66
CA SER D 70 -2.31 38.37 -11.85
C SER D 70 -0.96 38.05 -12.43
N GLU D 71 0.01 38.91 -12.18
CA GLU D 71 1.34 38.73 -12.77
C GLU D 71 2.35 38.31 -11.72
N PRO D 72 2.70 37.02 -11.65
CA PRO D 72 3.73 36.54 -10.72
C PRO D 72 5.14 36.85 -11.21
N GLU D 73 6.09 36.64 -10.29
CA GLU D 73 7.47 37.09 -10.52
C GLU D 73 8.33 36.06 -11.25
N MET D 74 7.94 34.80 -11.22
CA MET D 74 8.74 33.77 -11.87
C MET D 74 7.85 32.55 -12.04
N CYS D 75 8.31 31.64 -12.89
CA CYS D 75 7.66 30.35 -13.13
C CYS D 75 8.68 29.40 -13.70
N GLY D 76 8.92 28.30 -13.01
CA GLY D 76 9.94 27.36 -13.46
C GLY D 76 9.52 26.49 -14.62
N ASN D 77 8.33 25.91 -14.58
CA ASN D 77 7.84 25.13 -15.72
C ASN D 77 7.73 26.00 -16.94
N GLY D 78 7.35 27.26 -16.74
CA GLY D 78 7.19 28.17 -17.83
C GLY D 78 8.49 28.64 -18.42
N ILE D 79 9.53 28.81 -17.60
CA ILE D 79 10.85 29.13 -18.14
C ILE D 79 11.35 28.00 -19.02
N ARG D 80 11.11 26.75 -18.63
CA ARG D 80 11.54 25.63 -19.46
C ARG D 80 10.82 25.66 -20.79
N CYS D 81 9.51 25.89 -20.77
CA CYS D 81 8.76 26.00 -22.01
C CYS D 81 9.23 27.15 -22.84
N LEU D 82 9.50 28.28 -22.21
CA LEU D 82 9.98 29.46 -22.93
C LEU D 82 11.33 29.19 -23.59
N ALA D 83 12.23 28.48 -22.90
CA ALA D 83 13.52 28.19 -23.52
C ALA D 83 13.35 27.34 -24.77
N ALA D 84 12.47 26.36 -24.72
CA ALA D 84 12.19 25.53 -25.89
C ALA D 84 11.57 26.35 -27.01
N PHE D 85 10.66 27.26 -26.66
CA PHE D 85 10.01 28.14 -27.63
C PHE D 85 11.04 29.06 -28.29
N LEU D 86 11.92 29.67 -27.47
CA LEU D 86 12.95 30.56 -28.02
C LEU D 86 13.86 29.79 -28.97
N ALA D 87 14.21 28.55 -28.62
CA ALA D 87 15.07 27.79 -29.53
C ALA D 87 14.36 27.56 -30.84
N ASP D 88 13.05 27.29 -30.80
CA ASP D 88 12.31 27.13 -32.06
C ASP D 88 12.28 28.43 -32.82
N LEU D 89 12.10 29.56 -32.14
CA LEU D 89 11.99 30.83 -32.86
C LEU D 89 13.33 31.21 -33.47
N GLU D 90 14.42 30.93 -32.78
CA GLU D 90 15.75 31.22 -33.30
C GLU D 90 16.10 30.26 -34.43
N GLY D 91 15.70 29.00 -34.30
CA GLY D 91 15.98 28.01 -35.34
C GLY D 91 17.47 27.85 -35.57
N LEU D 92 17.88 27.83 -36.85
CA LEU D 92 19.29 27.61 -37.18
C LEU D 92 20.17 28.80 -36.80
N SER D 93 19.58 29.95 -36.47
CA SER D 93 20.36 31.08 -35.99
C SER D 93 20.80 30.95 -34.53
N ARG D 94 20.39 29.91 -33.83
CA ARG D 94 20.76 29.76 -32.44
C ARG D 94 22.25 29.37 -32.35
N ASN D 95 22.99 30.07 -31.50
CA ASN D 95 24.44 29.88 -31.38
C ASN D 95 24.88 29.56 -29.95
N LYS D 96 24.00 28.98 -29.15
CA LYS D 96 24.33 28.70 -27.76
C LYS D 96 23.23 27.79 -27.22
N ASP D 97 23.53 27.17 -26.07
CA ASP D 97 22.62 26.25 -25.41
C ASP D 97 21.97 26.85 -24.17
N THR D 98 22.30 28.07 -23.82
CA THR D 98 21.73 28.68 -22.63
C THR D 98 21.21 30.05 -23.00
N TYR D 99 20.16 30.48 -22.31
CA TYR D 99 19.65 31.83 -22.46
C TYR D 99 19.66 32.48 -21.08
N ARG D 100 20.04 33.74 -21.02
CA ARG D 100 19.87 34.56 -19.84
C ARG D 100 18.57 35.33 -20.00
N ILE D 101 17.64 35.09 -19.08
CA ILE D 101 16.28 35.60 -19.21
C ILE D 101 16.01 36.55 -18.08
N HIS D 102 15.58 37.77 -18.41
CA HIS D 102 15.20 38.74 -17.38
C HIS D 102 13.78 38.43 -16.91
N THR D 103 13.58 38.36 -15.59
CA THR D 103 12.28 38.17 -15.00
C THR D 103 12.11 39.18 -13.88
N LEU D 104 10.88 39.30 -13.40
CA LEU D 104 10.64 40.15 -12.23
C LEU D 104 11.45 39.74 -11.02
N ALA D 105 11.78 38.45 -10.91
CA ALA D 105 12.55 37.92 -9.82
C ALA D 105 14.05 38.07 -10.01
N GLY D 106 14.52 38.51 -11.18
CA GLY D 106 15.96 38.56 -11.46
C GLY D 106 16.29 37.75 -12.70
N VAL D 107 17.58 37.56 -12.94
CA VAL D 107 18.02 36.82 -14.12
C VAL D 107 17.94 35.32 -13.85
N ILE D 108 17.33 34.60 -14.79
CA ILE D 108 17.13 33.16 -14.72
C ILE D 108 17.74 32.58 -15.98
N THR D 109 18.49 31.49 -15.82
CA THR D 109 19.26 30.94 -16.96
C THR D 109 18.91 29.49 -17.23
N PRO D 110 18.02 29.21 -18.17
CA PRO D 110 17.83 27.85 -18.64
C PRO D 110 18.93 27.38 -19.58
N GLN D 111 19.25 26.10 -19.50
CA GLN D 111 20.21 25.44 -20.37
C GLN D 111 19.55 24.26 -21.05
N LEU D 112 19.62 24.24 -22.39
CA LEU D 112 19.06 23.13 -23.14
C LEU D 112 20.09 22.02 -23.10
N THR D 113 19.78 20.93 -22.44
CA THR D 113 20.76 19.87 -22.26
C THR D 113 20.64 18.84 -23.35
N PRO D 114 21.70 18.04 -23.56
CA PRO D 114 21.72 17.18 -24.75
C PRO D 114 20.55 16.22 -24.84
N ASP D 115 20.00 15.79 -23.71
CA ASP D 115 18.97 14.76 -23.68
C ASP D 115 17.55 15.29 -23.82
N GLY D 116 17.38 16.57 -24.17
CA GLY D 116 16.05 17.12 -24.38
C GLY D 116 15.45 17.79 -23.16
N GLN D 117 16.06 17.62 -22.00
CA GLN D 117 15.58 18.31 -20.81
C GLN D 117 16.16 19.72 -20.78
N ILE D 118 15.65 20.52 -19.83
CA ILE D 118 16.13 21.87 -19.64
C ILE D 118 16.51 21.99 -18.17
N LYS D 119 17.75 22.40 -17.91
CA LYS D 119 18.24 22.64 -16.56
C LYS D 119 18.28 24.15 -16.34
N VAL D 120 17.69 24.59 -15.23
CA VAL D 120 17.52 26.01 -15.00
C VAL D 120 18.24 26.40 -13.71
N ASP D 121 19.05 27.44 -13.80
CA ASP D 121 19.59 28.17 -12.64
C ASP D 121 18.48 29.10 -12.17
N MET D 122 17.80 28.70 -11.06
CA MET D 122 16.66 29.39 -10.51
C MET D 122 17.05 30.43 -9.48
N GLY D 123 18.33 30.60 -9.23
CA GLY D 123 18.82 31.63 -8.35
C GLY D 123 18.86 31.20 -6.90
N LEU D 124 19.08 32.21 -6.03
CA LEU D 124 19.14 31.92 -4.59
C LEU D 124 17.73 31.87 -4.00
N PRO D 125 17.46 30.91 -3.14
CA PRO D 125 16.21 30.94 -2.38
C PRO D 125 16.24 32.09 -1.40
N ARG D 126 15.07 32.65 -1.14
CA ARG D 126 14.90 33.80 -0.25
C ARG D 126 14.14 33.30 0.97
N LEU D 127 14.77 33.44 2.15
CA LEU D 127 14.27 32.73 3.33
C LEU D 127 13.67 33.66 4.38
N LEU D 128 13.82 34.97 4.25
CA LEU D 128 13.35 35.87 5.31
C LEU D 128 11.88 36.19 5.12
N ALA D 129 11.17 36.34 6.24
CA ALA D 129 9.74 36.55 6.16
C ALA D 129 9.41 37.75 5.31
N GLY D 130 10.22 38.81 5.41
CA GLY D 130 9.97 40.00 4.62
C GLY D 130 10.11 39.79 3.12
N GLU D 131 10.80 38.73 2.72
CA GLU D 131 11.03 38.45 1.30
C GLU D 131 9.97 37.54 0.73
N ILE D 132 9.12 36.94 1.56
CA ILE D 132 8.14 35.95 1.12
C ILE D 132 7.06 36.62 0.28
N PRO D 133 6.28 37.61 0.81
CA PRO D 133 6.24 38.11 2.19
C PRO D 133 5.21 37.39 3.02
N THR D 134 5.47 37.31 4.33
CA THR D 134 4.52 36.77 5.25
C THR D 134 4.69 37.47 6.58
N ASN D 135 3.60 37.50 7.34
CA ASN D 135 3.62 38.07 8.70
C ASN D 135 3.75 37.04 9.80
N ILE D 136 4.07 35.79 9.46
CA ILE D 136 4.23 34.74 10.48
C ILE D 136 5.37 35.06 11.42
N ALA D 137 6.42 35.66 10.93
CA ALA D 137 7.60 36.01 11.71
C ALA D 137 7.99 37.45 11.37
N ALA D 138 8.92 37.99 12.14
CA ALA D 138 9.43 39.31 11.82
C ALA D 138 10.14 39.30 10.48
N ALA D 139 10.22 40.47 9.87
CA ALA D 139 10.67 40.56 8.48
C ALA D 139 12.07 40.02 8.30
N ASP D 140 12.91 40.10 9.34
CA ASP D 140 14.31 39.71 9.28
C ASP D 140 14.53 38.28 9.75
N GLN D 141 13.47 37.52 9.98
CA GLN D 141 13.57 36.15 10.47
C GLN D 141 13.15 35.15 9.42
N LYS D 142 13.74 33.97 9.48
CA LYS D 142 13.26 32.83 8.69
C LYS D 142 11.93 32.31 9.24
N VAL D 143 11.28 31.45 8.44
CA VAL D 143 9.98 30.88 8.77
C VAL D 143 10.06 29.38 8.61
N ILE D 144 10.52 28.67 9.65
CA ILE D 144 10.81 27.25 9.56
C ILE D 144 9.99 26.51 10.60
N ASN D 145 9.16 25.58 10.16
CA ASN D 145 8.29 24.78 11.02
C ASN D 145 7.52 25.69 12.00
N GLN D 146 6.90 26.71 11.47
CA GLN D 146 6.12 27.64 12.26
C GLN D 146 4.64 27.36 12.17
N PRO D 147 3.85 27.78 13.16
CA PRO D 147 2.41 27.52 13.12
C PRO D 147 1.62 28.43 12.19
N LEU D 148 0.60 27.83 11.58
CA LEU D 148 -0.38 28.57 10.78
C LEU D 148 -1.73 27.92 11.03
N GLU D 149 -2.65 28.69 11.64
CA GLU D 149 -3.99 28.22 11.89
C GLU D 149 -4.85 28.50 10.67
N VAL D 150 -5.43 27.45 10.14
CA VAL D 150 -6.27 27.54 8.95
C VAL D 150 -7.59 26.91 9.34
N GLU D 151 -8.63 27.75 9.48
CA GLU D 151 -9.93 27.24 9.88
C GLU D 151 -9.85 26.46 11.19
N GLY D 152 -9.12 27.01 12.15
CA GLY D 152 -9.05 26.41 13.47
C GLY D 152 -8.15 25.20 13.65
N LYS D 153 -7.53 24.67 12.59
CA LYS D 153 -6.53 23.60 12.72
C LYS D 153 -5.15 24.22 12.49
N THR D 154 -4.20 23.86 13.32
CA THR D 154 -2.87 24.44 13.24
C THR D 154 -1.97 23.53 12.42
N TRP D 155 -1.44 24.09 11.35
CA TRP D 155 -0.48 23.42 10.48
C TRP D 155 0.91 23.91 10.79
N GLU D 156 1.88 23.04 10.63
CA GLU D 156 3.29 23.42 10.69
C GLU D 156 3.73 23.74 9.27
N VAL D 157 4.26 24.96 9.06
CA VAL D 157 4.58 25.45 7.71
C VAL D 157 5.96 26.05 7.69
N THR D 158 6.61 26.00 6.52
CA THR D 158 7.87 26.65 6.29
C THR D 158 7.67 27.51 5.04
N CYS D 159 8.15 28.73 5.04
CA CYS D 159 8.00 29.60 3.90
C CYS D 159 9.33 29.85 3.21
N VAL D 160 9.29 29.87 1.86
CA VAL D 160 10.46 30.11 1.03
C VAL D 160 9.96 30.88 -0.18
N SER D 161 10.79 31.80 -0.66
CA SER D 161 10.52 32.52 -1.89
C SER D 161 11.55 32.15 -2.95
N MET D 162 11.02 31.92 -4.16
CA MET D 162 11.84 31.75 -5.37
C MET D 162 11.64 32.94 -6.28
N GLY D 163 11.42 34.10 -5.69
CA GLY D 163 10.90 35.25 -6.42
C GLY D 163 9.44 35.43 -6.18
N ASN D 164 8.71 34.31 -6.05
CA ASN D 164 7.32 34.21 -5.65
C ASN D 164 7.18 33.48 -4.31
N PRO D 165 6.04 33.65 -3.63
CA PRO D 165 5.91 33.07 -2.27
C PRO D 165 5.45 31.64 -2.29
N HIS D 166 6.03 30.85 -1.37
CA HIS D 166 5.62 29.48 -1.13
C HIS D 166 5.46 29.19 0.37
N CYS D 167 4.48 28.36 0.67
CA CYS D 167 4.15 27.90 2.02
C CYS D 167 4.08 26.39 1.91
N ILE D 168 5.02 25.71 2.55
CA ILE D 168 5.24 24.29 2.43
C ILE D 168 4.86 23.60 3.75
N THR D 169 4.09 22.53 3.66
CA THR D 169 3.73 21.75 4.85
C THR D 169 3.97 20.25 4.55
N PHE D 170 4.53 19.54 5.52
CA PHE D 170 4.87 18.14 5.35
C PHE D 170 3.79 17.26 5.95
N VAL D 171 3.32 16.28 5.17
CA VAL D 171 2.20 15.42 5.50
C VAL D 171 2.55 13.94 5.32
N GLU D 172 1.76 13.06 5.98
CA GLU D 172 2.01 11.63 5.91
C GLU D 172 1.46 11.03 4.61
N ASP D 173 0.38 11.59 4.05
CA ASP D 173 -0.29 11.02 2.88
C ASP D 173 -0.80 12.18 2.03
N VAL D 174 -0.04 12.54 1.00
CA VAL D 174 -0.38 13.72 0.23
C VAL D 174 -1.60 13.49 -0.64
N ALA D 175 -1.81 12.25 -1.09
CA ALA D 175 -3.00 11.91 -1.86
C ALA D 175 -4.28 12.17 -1.09
N ALA D 176 -4.22 12.14 0.24
CA ALA D 176 -5.39 12.30 1.10
C ALA D 176 -5.75 13.77 1.38
N ILE D 177 -4.95 14.72 0.97
CA ILE D 177 -5.26 16.13 1.25
C ILE D 177 -6.45 16.57 0.41
N PRO D 178 -7.48 17.24 0.99
CA PRO D 178 -8.68 17.75 0.29
C PRO D 178 -8.34 19.10 -0.34
N LEU D 179 -7.56 19.01 -1.42
CA LEU D 179 -6.82 20.15 -1.90
C LEU D 179 -7.75 21.24 -2.42
N GLU D 180 -8.86 20.85 -3.06
CA GLU D 180 -9.82 21.81 -3.60
C GLU D 180 -10.43 22.67 -2.50
N THR D 181 -10.56 22.08 -1.31
CA THR D 181 -11.19 22.74 -0.17
C THR D 181 -10.18 23.61 0.61
N ILE D 182 -9.04 23.03 0.98
CA ILE D 182 -8.09 23.71 1.85
C ILE D 182 -7.12 24.61 1.11
N GLY D 183 -6.86 24.32 -0.17
CA GLY D 183 -5.92 25.12 -0.90
C GLY D 183 -6.19 26.62 -0.87
N PRO D 184 -7.40 27.04 -1.26
CA PRO D 184 -7.68 28.49 -1.28
C PRO D 184 -7.59 29.12 0.11
N LYS D 185 -7.78 28.32 1.15
CA LYS D 185 -7.72 28.85 2.51
C LYS D 185 -6.31 29.20 2.89
N PHE D 186 -5.32 28.46 2.37
CA PHE D 186 -3.94 28.87 2.52
C PHE D 186 -3.61 30.03 1.61
N GLU D 187 -4.05 29.95 0.34
CA GLU D 187 -3.68 30.96 -0.63
C GLU D 187 -4.03 32.36 -0.15
N HIS D 188 -5.22 32.49 0.42
CA HIS D 188 -5.75 33.79 0.84
C HIS D 188 -5.64 34.01 2.34
N HIS D 189 -4.82 33.25 3.02
CA HIS D 189 -4.73 33.43 4.47
C HIS D 189 -4.19 34.83 4.73
N PRO D 190 -4.71 35.52 5.79
CA PRO D 190 -4.20 36.87 6.10
C PRO D 190 -2.73 36.96 6.37
N ALA D 191 -2.08 35.83 6.72
CA ALA D 191 -0.66 35.88 6.94
C ALA D 191 0.15 36.17 5.71
N PHE D 192 -0.47 36.16 4.53
CA PHE D 192 0.24 36.34 3.25
C PHE D 192 -0.31 37.53 2.52
N PRO D 193 0.32 38.70 2.67
CA PRO D 193 -0.28 39.91 2.11
C PRO D 193 -0.39 39.90 0.60
N GLN D 194 0.48 39.14 -0.08
CA GLN D 194 0.44 39.03 -1.54
C GLN D 194 -0.04 37.65 -1.98
N ARG D 195 -0.73 36.93 -1.12
CA ARG D 195 -1.14 35.55 -1.29
C ARG D 195 0.09 34.65 -1.30
N THR D 196 -0.18 33.37 -1.45
CA THR D 196 0.92 32.41 -1.49
C THR D 196 0.52 31.24 -2.38
N ASN D 197 1.57 30.58 -2.91
CA ASN D 197 1.44 29.20 -3.38
C ASN D 197 1.59 28.25 -2.19
N THR D 198 0.92 27.11 -2.25
CA THR D 198 0.92 26.18 -1.11
C THR D 198 1.28 24.78 -1.61
N GLU D 199 2.29 24.22 -1.00
CA GLU D 199 2.79 22.88 -1.33
C GLU D 199 2.61 21.96 -0.15
N PHE D 200 2.01 20.80 -0.42
CA PHE D 200 1.87 19.70 0.54
C PHE D 200 2.86 18.63 0.11
N ILE D 201 3.71 18.21 1.02
CA ILE D 201 4.86 17.34 0.70
C ILE D 201 4.84 16.10 1.53
N GLN D 202 4.93 14.94 0.86
CA GLN D 202 5.13 13.65 1.53
C GLN D 202 6.56 13.23 1.25
N VAL D 203 7.37 13.11 2.31
CA VAL D 203 8.75 12.69 2.16
C VAL D 203 8.74 11.17 2.00
N VAL D 204 9.25 10.69 0.87
CA VAL D 204 9.34 9.25 0.64
C VAL D 204 10.68 8.73 1.11
N SER D 205 11.72 9.47 0.80
CA SER D 205 13.04 9.23 1.31
C SER D 205 13.78 10.55 1.32
N ARG D 206 15.05 10.53 1.78
CA ARG D 206 15.81 11.75 1.83
C ARG D 206 16.17 12.31 0.45
N ASP D 207 15.92 11.57 -0.63
CA ASP D 207 16.13 12.16 -1.96
C ASP D 207 14.89 12.05 -2.83
N TYR D 208 13.71 11.88 -2.24
CA TYR D 208 12.49 11.71 -3.03
C TYR D 208 11.32 12.29 -2.27
N LEU D 209 10.73 13.33 -2.85
CA LEU D 209 9.58 14.01 -2.28
C LEU D 209 8.40 13.90 -3.22
N LYS D 210 7.22 13.68 -2.68
CA LYS D 210 5.98 13.70 -3.44
C LYS D 210 5.25 15.01 -3.11
N MET D 211 4.80 15.73 -4.14
CA MET D 211 4.21 17.05 -3.95
C MET D 211 2.88 17.22 -4.61
N ARG D 212 1.95 17.88 -3.91
CA ARG D 212 0.76 18.43 -4.55
C ARG D 212 0.71 19.92 -4.24
N VAL D 213 0.10 20.69 -5.10
CA VAL D 213 0.20 22.15 -5.01
C VAL D 213 -1.14 22.80 -5.32
N TRP D 214 -1.47 23.83 -4.54
CA TRP D 214 -2.53 24.80 -4.87
C TRP D 214 -1.83 26.11 -5.16
N GLU D 215 -1.83 26.52 -6.44
CA GLU D 215 -1.10 27.71 -6.83
C GLU D 215 -1.91 28.98 -6.66
N ARG D 216 -1.23 30.01 -6.21
CA ARG D 216 -1.72 31.36 -6.28
C ARG D 216 -2.12 31.66 -7.73
N GLY D 217 -3.34 32.15 -7.90
CA GLY D 217 -3.74 32.58 -9.22
C GLY D 217 -4.02 31.50 -10.23
N ALA D 218 -3.89 30.22 -9.89
CA ALA D 218 -4.07 29.15 -10.86
C ALA D 218 -4.75 27.92 -10.31
N GLY D 219 -4.75 27.70 -9.01
CA GLY D 219 -5.48 26.57 -8.48
C GLY D 219 -4.68 25.30 -8.49
N ILE D 220 -5.40 24.20 -8.65
CA ILE D 220 -4.74 22.91 -8.71
C ILE D 220 -4.03 22.78 -10.06
N THR D 221 -2.73 22.62 -10.01
CA THR D 221 -1.93 22.41 -11.21
C THR D 221 -1.22 21.06 -11.07
N LEU D 222 -0.78 20.55 -12.22
CA LEU D 222 -0.15 19.22 -12.20
C LEU D 222 1.32 19.28 -11.89
N ALA D 223 1.91 20.46 -11.81
CA ALA D 223 3.31 20.64 -11.53
C ALA D 223 3.58 22.10 -11.26
N CYS D 224 4.62 22.37 -10.44
CA CYS D 224 5.06 23.74 -10.20
C CYS D 224 6.56 23.72 -9.96
N GLY D 225 7.31 24.35 -10.86
CA GLY D 225 8.75 24.34 -10.74
C GLY D 225 9.26 25.18 -9.60
N THR D 226 8.78 26.42 -9.47
CA THR D 226 9.21 27.21 -8.31
C THR D 226 8.76 26.52 -7.03
N GLY D 227 7.60 25.87 -7.03
CA GLY D 227 7.13 25.23 -5.81
C GLY D 227 7.94 23.97 -5.46
N ALA D 228 8.39 23.25 -6.50
CA ALA D 228 9.25 22.08 -6.21
C ALA D 228 10.58 22.54 -5.66
N CYS D 229 11.14 23.63 -6.19
CA CYS D 229 12.38 24.21 -5.67
C CYS D 229 12.20 24.64 -4.23
N ALA D 230 11.13 25.37 -3.94
CA ALA D 230 10.89 25.84 -2.59
C ALA D 230 10.69 24.68 -1.64
N SER D 231 10.01 23.60 -2.09
CA SER D 231 9.75 22.46 -1.24
C SER D 231 11.05 21.72 -0.90
N LEU D 232 11.95 21.59 -1.87
CA LEU D 232 13.25 21.00 -1.56
C LEU D 232 14.02 21.85 -0.55
N VAL D 233 14.03 23.15 -0.74
CA VAL D 233 14.67 24.05 0.23
C VAL D 233 14.06 23.84 1.61
N ALA D 234 12.74 23.78 1.69
CA ALA D 234 12.08 23.62 3.00
C ALA D 234 12.44 22.30 3.61
N ALA D 235 12.54 21.24 2.79
CA ALA D 235 12.89 19.94 3.31
C ALA D 235 14.31 19.92 3.84
N VAL D 236 15.23 20.60 3.19
CA VAL D 236 16.61 20.74 3.70
C VAL D 236 16.61 21.52 5.03
N LEU D 237 15.90 22.67 5.02
CA LEU D 237 15.90 23.55 6.19
C LEU D 237 15.35 22.84 7.39
N THR D 238 14.42 21.90 7.22
CA THR D 238 13.78 21.19 8.32
C THR D 238 14.48 19.86 8.64
N GLY D 239 15.58 19.57 7.93
CA GLY D 239 16.35 18.34 8.12
C GLY D 239 15.74 17.08 7.57
N ARG D 240 14.74 17.18 6.68
CA ARG D 240 13.97 16.04 6.20
C ARG D 240 14.56 15.42 4.93
N SER D 241 15.33 16.17 4.18
CA SER D 241 15.91 15.69 2.93
C SER D 241 17.31 16.22 2.70
N ASP D 242 18.00 15.56 1.74
CA ASP D 242 19.26 16.02 1.22
C ASP D 242 19.05 17.14 0.19
N ARG D 243 20.14 17.70 -0.28
CA ARG D 243 20.09 18.85 -1.20
C ARG D 243 19.90 18.45 -2.66
N LEU D 244 19.89 17.15 -2.99
CA LEU D 244 19.57 16.70 -4.33
C LEU D 244 18.44 15.71 -4.19
N ALA D 245 17.31 15.98 -4.87
CA ALA D 245 16.16 15.11 -4.74
C ALA D 245 15.31 15.13 -5.99
N THR D 246 14.59 14.05 -6.22
CA THR D 246 13.48 14.04 -7.16
C THR D 246 12.25 14.55 -6.45
N VAL D 247 11.54 15.48 -7.09
CA VAL D 247 10.22 15.88 -6.63
C VAL D 247 9.21 15.32 -7.60
N GLU D 248 8.38 14.40 -7.15
CA GLU D 248 7.37 13.77 -7.97
C GLU D 248 6.09 14.57 -7.85
N LEU D 249 5.66 15.14 -8.94
CA LEU D 249 4.43 15.90 -9.04
C LEU D 249 3.38 15.08 -9.78
N PRO D 250 2.12 15.51 -9.75
CA PRO D 250 1.08 14.75 -10.45
C PRO D 250 1.42 14.52 -11.90
N GLY D 251 2.10 15.45 -12.53
CA GLY D 251 2.46 15.40 -13.93
C GLY D 251 3.75 14.73 -14.26
N GLY D 252 4.51 14.34 -13.24
CA GLY D 252 5.81 13.77 -13.41
C GLY D 252 6.87 14.37 -12.54
N PRO D 253 8.10 13.94 -12.73
CA PRO D 253 9.19 14.33 -11.85
C PRO D 253 10.06 15.47 -12.32
N LEU D 254 10.54 16.26 -11.35
CA LEU D 254 11.57 17.24 -11.54
C LEU D 254 12.78 16.85 -10.69
N GLU D 255 13.97 17.19 -11.15
CA GLU D 255 15.19 16.95 -10.39
C GLU D 255 15.64 18.31 -9.85
N ILE D 256 15.75 18.41 -8.52
CA ILE D 256 16.07 19.70 -7.87
C ILE D 256 17.39 19.52 -7.12
N GLU D 257 18.26 20.51 -7.24
CA GLU D 257 19.55 20.54 -6.54
C GLU D 257 19.74 21.91 -5.91
N TRP D 258 19.92 21.95 -4.58
CA TRP D 258 20.39 23.14 -3.90
C TRP D 258 21.90 23.05 -3.79
N SER D 259 22.59 23.66 -4.73
CA SER D 259 24.01 23.45 -4.83
C SER D 259 24.76 23.97 -3.61
N GLU D 260 25.72 23.19 -3.15
CA GLU D 260 26.64 23.65 -2.10
C GLU D 260 27.74 24.54 -2.63
N VAL D 261 27.94 24.58 -3.94
CA VAL D 261 29.00 25.40 -4.53
C VAL D 261 28.63 26.87 -4.50
N ASP D 262 27.40 27.19 -4.94
CA ASP D 262 26.98 28.58 -5.05
C ASP D 262 25.69 28.92 -4.32
N GLN D 263 25.11 27.96 -3.58
CA GLN D 263 23.85 28.08 -2.85
C GLN D 263 22.65 28.41 -3.73
N ARG D 264 22.76 28.26 -5.04
CA ARG D 264 21.63 28.46 -5.94
C ARG D 264 20.89 27.16 -6.14
N ILE D 265 19.63 27.27 -6.58
CA ILE D 265 18.79 26.12 -6.90
C ILE D 265 18.84 25.87 -8.39
N TYR D 266 19.03 24.60 -8.74
CA TYR D 266 18.98 24.11 -10.12
C TYR D 266 17.83 23.15 -10.28
N MET D 267 17.02 23.37 -11.31
CA MET D 267 15.85 22.53 -11.52
C MET D 267 15.90 22.01 -12.95
N THR D 268 15.76 20.70 -13.11
CA THR D 268 15.79 20.10 -14.45
C THR D 268 14.48 19.36 -14.72
N GLY D 269 13.92 19.59 -15.91
CA GLY D 269 12.74 18.87 -16.29
C GLY D 269 12.45 19.11 -17.75
N PRO D 270 11.35 18.55 -18.24
CA PRO D 270 11.01 18.59 -19.66
C PRO D 270 10.17 19.80 -20.06
N ALA D 271 10.02 19.97 -21.35
CA ALA D 271 9.08 20.93 -21.91
C ALA D 271 8.53 20.30 -23.16
N ASP D 272 7.21 20.40 -23.38
CA ASP D 272 6.55 19.72 -24.50
C ASP D 272 5.68 20.70 -25.29
N ARG D 273 5.91 20.80 -26.60
CA ARG D 273 5.12 21.65 -27.48
C ARG D 273 3.93 20.82 -27.91
N VAL D 274 2.72 21.30 -27.66
CA VAL D 274 1.53 20.51 -27.91
C VAL D 274 0.90 20.85 -29.27
N PHE D 275 0.67 22.12 -29.52
CA PHE D 275 0.03 22.55 -30.77
C PHE D 275 0.24 24.03 -30.95
N THR D 276 0.08 24.49 -32.20
CA THR D 276 0.14 25.90 -32.51
C THR D 276 -1.26 26.31 -32.92
N GLY D 277 -1.58 27.58 -32.73
CA GLY D 277 -2.92 27.98 -33.09
C GLY D 277 -3.04 29.47 -33.29
N LYS D 278 -4.23 29.85 -33.72
CA LYS D 278 -4.57 31.25 -34.01
C LYS D 278 -5.96 31.56 -33.47
N LEU D 279 -6.09 32.63 -32.68
CA LEU D 279 -7.41 33.01 -32.19
C LEU D 279 -8.33 33.48 -33.32
N HIS D 280 -9.59 33.07 -33.27
CA HIS D 280 -10.58 33.49 -34.28
C HIS D 280 -10.91 34.96 -34.09
#